data_3SM4
#
_entry.id   3SM4
#
_cell.length_a   78.391
_cell.length_b   78.391
_cell.length_c   247.534
_cell.angle_alpha   90.00
_cell.angle_beta   90.00
_cell.angle_gamma   120.00
#
_symmetry.space_group_name_H-M   'P 65'
#
loop_
_entity.id
_entity.type
_entity.pdbx_description
1 polymer Exonuclease
2 polymer "5'-D(*TP*CP*GP*GP*TP*AP*CP*AP*GP*TP*AP*G)-3'"
3 polymer "5'-D(P*AP*GP*CP*TP*AP*CP*TP*GP*TP*AP*CP*CP*GP*A)-3'"
4 non-polymer 'PHOSPHATE ION'
5 non-polymer 'CHLORIDE ION'
6 non-polymer 'MAGNESIUM ION'
7 water water
#
loop_
_entity_poly.entity_id
_entity_poly.type
_entity_poly.pdbx_seq_one_letter_code
_entity_poly.pdbx_strand_id
1 'polypeptide(L)'
;GSHMTPDIILQRTGIDVRAVEQGDDAWHKLRLGVITASEVHNVIAKPRSGKKWPDMKMSYFHTLLAEVCTGVAPEVNAKA
LAWGKQYENDARTLFEFTSGVNVTESPIIYRDESMRTACSPDGLCSDGNGLELACPFTSRDFMKFRLGGFEAIKSAYMAQ
VQYSMWVTRKNAWYFANYDPRMKREGLHYVVIERDEKYMASFDEIVPEFIEKMDEALAEIGFVFGEQWR
;
A,B,C
2 'polydeoxyribonucleotide' (DT)(DC)(DG)(DG)(DT)(DA)(DC)(DA)(DG)(DT)(DA)(DG) D
3 'polydeoxyribonucleotide' (DA)(DG)(DC)(DT)(DA)(DC)(DT)(DG)(DT)(DA)(DC)(DC)(DG)(DA) E
#
# COMPACT_ATOMS: atom_id res chain seq x y z
N THR A 5 -11.82 34.51 -16.58
CA THR A 5 -10.65 34.95 -17.40
C THR A 5 -9.38 35.08 -16.54
N PRO A 6 -8.20 34.90 -17.16
CA PRO A 6 -6.89 34.94 -16.46
C PRO A 6 -6.67 36.13 -15.54
N ASP A 7 -7.19 37.31 -15.90
CA ASP A 7 -7.01 38.52 -15.08
C ASP A 7 -7.70 38.43 -13.71
N ILE A 8 -8.86 37.79 -13.67
CA ILE A 8 -9.59 37.56 -12.42
C ILE A 8 -8.83 36.58 -11.50
N ILE A 9 -8.30 35.52 -12.10
CA ILE A 9 -7.51 34.53 -11.36
C ILE A 9 -6.20 35.15 -10.84
N LEU A 10 -5.55 35.95 -11.67
CA LEU A 10 -4.31 36.65 -11.32
C LEU A 10 -4.51 37.55 -10.10
N GLN A 11 -5.64 38.26 -10.06
CA GLN A 11 -5.96 39.18 -8.97
C GLN A 11 -6.19 38.47 -7.63
N ARG A 12 -6.63 37.22 -7.69
CA ARG A 12 -6.99 36.50 -6.46
C ARG A 12 -5.96 35.46 -6.01
N THR A 13 -5.12 35.00 -6.92
CA THR A 13 -4.10 34.00 -6.60
C THR A 13 -2.67 34.55 -6.64
N GLY A 14 -2.48 35.62 -7.40
CA GLY A 14 -1.15 36.18 -7.64
C GLY A 14 -0.39 35.38 -8.69
N ILE A 15 -1.11 34.53 -9.41
CA ILE A 15 -0.52 33.66 -10.43
C ILE A 15 -1.15 33.96 -11.79
N ASP A 16 -0.30 34.16 -12.79
CA ASP A 16 -0.76 34.40 -14.16
C ASP A 16 -0.88 33.08 -14.91
N VAL A 17 -2.11 32.77 -15.31
CA VAL A 17 -2.44 31.52 -16.01
C VAL A 17 -1.73 31.36 -17.36
N ARG A 18 -1.55 32.46 -18.08
CA ARG A 18 -0.85 32.46 -19.37
C ARG A 18 0.54 31.83 -19.27
N ALA A 19 1.17 32.04 -18.12
CA ALA A 19 2.45 31.39 -17.80
C ALA A 19 2.19 29.97 -17.30
N VAL A 20 2.74 29.64 -16.12
CA VAL A 20 2.61 28.32 -15.50
C VAL A 20 3.13 27.19 -16.40
N GLU A 21 4.37 26.79 -16.13
CA GLU A 21 5.06 25.77 -16.93
C GLU A 21 4.49 24.36 -16.75
N GLN A 22 3.93 24.09 -15.56
CA GLN A 22 3.27 22.82 -15.23
C GLN A 22 4.24 21.62 -15.15
N GLY A 23 4.30 20.98 -13.98
CA GLY A 23 3.54 21.36 -12.80
C GLY A 23 4.42 21.97 -11.72
N ASP A 24 4.63 23.28 -11.82
CA ASP A 24 5.49 24.01 -10.89
C ASP A 24 4.74 24.45 -9.62
N ASP A 25 5.40 25.28 -8.81
CA ASP A 25 4.85 25.78 -7.55
C ASP A 25 3.53 26.52 -7.75
N ALA A 26 3.44 27.27 -8.84
CA ALA A 26 2.24 28.03 -9.19
C ALA A 26 1.10 27.13 -9.66
N TRP A 27 1.43 26.08 -10.41
CA TRP A 27 0.45 25.08 -10.86
C TRP A 27 -0.29 24.45 -9.68
N HIS A 28 0.49 23.99 -8.70
CA HIS A 28 -0.07 23.35 -7.51
C HIS A 28 -0.84 24.31 -6.62
N LYS A 29 -0.40 25.57 -6.60
CA LYS A 29 -1.01 26.59 -5.76
C LYS A 29 -2.46 26.90 -6.16
N LEU A 30 -2.73 26.84 -7.47
CA LEU A 30 -4.06 27.13 -8.01
C LEU A 30 -5.13 26.13 -7.57
N ARG A 31 -4.71 24.90 -7.26
CA ARG A 31 -5.63 23.84 -6.85
C ARG A 31 -5.86 23.76 -5.33
N LEU A 32 -5.12 24.57 -4.57
CA LEU A 32 -5.19 24.51 -3.11
C LEU A 32 -6.60 24.82 -2.60
N GLY A 33 -7.16 23.86 -1.87
CA GLY A 33 -8.49 23.98 -1.27
C GLY A 33 -9.66 23.81 -2.23
N VAL A 34 -9.35 23.59 -3.51
CA VAL A 34 -10.34 23.52 -4.57
C VAL A 34 -10.82 22.08 -4.79
N ILE A 35 -12.14 21.92 -4.93
CA ILE A 35 -12.72 20.63 -5.28
C ILE A 35 -12.43 20.35 -6.75
N THR A 36 -11.58 19.34 -6.98
CA THR A 36 -11.08 19.02 -8.32
C THR A 36 -11.73 17.76 -8.89
N ALA A 37 -11.75 17.67 -10.21
CA ALA A 37 -12.43 16.59 -10.93
C ALA A 37 -11.98 15.18 -10.53
N SER A 38 -10.66 14.97 -10.42
CA SER A 38 -10.13 13.63 -10.11
C SER A 38 -10.30 13.24 -8.63
N GLU A 39 -10.83 14.15 -7.83
CA GLU A 39 -11.06 13.90 -6.41
C GLU A 39 -12.53 13.98 -6.02
N VAL A 40 -13.38 14.38 -6.98
CA VAL A 40 -14.80 14.58 -6.71
C VAL A 40 -15.55 13.32 -6.27
N HIS A 41 -15.06 12.16 -6.68
CA HIS A 41 -15.66 10.87 -6.29
C HIS A 41 -15.77 10.74 -4.77
N ASN A 42 -14.86 11.41 -4.06
CA ASN A 42 -14.90 11.47 -2.60
C ASN A 42 -16.08 12.28 -2.07
N VAL A 43 -16.42 13.36 -2.77
CA VAL A 43 -17.52 14.24 -2.36
C VAL A 43 -18.88 13.56 -2.56
N ILE A 44 -19.01 12.79 -3.63
CA ILE A 44 -20.30 12.19 -3.99
C ILE A 44 -20.54 10.81 -3.38
N ALA A 45 -19.53 10.29 -2.67
CA ALA A 45 -19.62 9.00 -1.98
C ALA A 45 -20.65 9.04 -0.85
N LYS A 46 -21.51 8.03 -0.84
CA LYS A 46 -22.58 7.91 0.15
C LYS A 46 -22.35 6.68 1.02
N PRO A 47 -22.91 6.67 2.25
CA PRO A 47 -22.90 5.42 3.02
C PRO A 47 -23.94 4.45 2.46
N ARG A 48 -23.80 3.17 2.77
CA ARG A 48 -24.75 2.15 2.29
C ARG A 48 -26.12 2.30 2.94
N SER A 49 -26.13 2.84 4.16
CA SER A 49 -27.37 3.15 4.87
C SER A 49 -27.20 4.43 5.67
N GLY A 50 -28.20 5.31 5.60
CA GLY A 50 -28.19 6.55 6.37
C GLY A 50 -27.57 7.73 5.65
N LYS A 51 -27.04 8.68 6.42
CA LYS A 51 -26.54 9.93 5.85
C LYS A 51 -25.15 10.37 6.35
N LYS A 52 -24.54 9.60 7.24
CA LYS A 52 -23.22 9.94 7.78
C LYS A 52 -22.15 9.82 6.70
N TRP A 53 -21.36 10.88 6.54
CA TRP A 53 -20.26 10.93 5.56
C TRP A 53 -19.32 9.74 5.72
N PRO A 54 -19.09 8.98 4.64
CA PRO A 54 -18.16 7.84 4.69
C PRO A 54 -16.71 8.31 4.84
N ASP A 55 -15.84 7.42 5.30
CA ASP A 55 -14.45 7.77 5.65
C ASP A 55 -13.70 8.46 4.52
N MET A 56 -13.89 7.99 3.29
CA MET A 56 -13.32 8.61 2.09
C MET A 56 -13.68 10.09 1.98
N LYS A 57 -14.95 10.41 2.22
CA LYS A 57 -15.45 11.77 2.13
C LYS A 57 -14.88 12.65 3.24
N MET A 58 -14.86 12.13 4.46
CA MET A 58 -14.27 12.86 5.60
C MET A 58 -12.78 13.09 5.41
N SER A 59 -12.09 12.09 4.85
CA SER A 59 -10.67 12.18 4.55
C SER A 59 -10.36 13.32 3.58
N TYR A 60 -11.17 13.42 2.53
CA TYR A 60 -11.01 14.48 1.53
C TYR A 60 -11.38 15.85 2.11
N PHE A 61 -12.45 15.88 2.90
CA PHE A 61 -12.89 17.07 3.63
C PHE A 61 -11.72 17.65 4.42
N HIS A 62 -11.09 16.82 5.26
CA HIS A 62 -9.93 17.23 6.06
C HIS A 62 -8.69 17.57 5.23
N THR A 63 -8.48 16.85 4.13
CA THR A 63 -7.35 17.12 3.22
C THR A 63 -7.46 18.53 2.64
N LEU A 64 -8.66 18.90 2.18
CA LEU A 64 -8.90 20.21 1.59
C LEU A 64 -8.79 21.35 2.60
N LEU A 65 -9.31 21.13 3.79
CA LEU A 65 -9.23 22.12 4.86
C LEU A 65 -7.78 22.37 5.27
N ALA A 66 -7.00 21.29 5.28
CA ALA A 66 -5.56 21.37 5.55
C ALA A 66 -4.82 22.20 4.50
N GLU A 67 -5.24 22.10 3.24
CA GLU A 67 -4.63 22.87 2.15
C GLU A 67 -4.87 24.37 2.29
N VAL A 68 -6.06 24.74 2.76
CA VAL A 68 -6.41 26.14 3.00
C VAL A 68 -5.61 26.73 4.15
N CYS A 69 -5.44 25.94 5.21
CA CYS A 69 -4.81 26.40 6.45
C CYS A 69 -3.28 26.34 6.43
N THR A 70 -2.72 25.45 5.63
CA THR A 70 -1.26 25.31 5.52
C THR A 70 -0.70 25.97 4.26
N GLY A 71 -1.53 26.04 3.21
CA GLY A 71 -1.10 26.60 1.93
C GLY A 71 -0.11 25.71 1.19
N VAL A 72 -0.02 24.45 1.60
CA VAL A 72 0.84 23.48 0.93
C VAL A 72 0.08 22.18 0.62
N ALA A 73 0.62 21.41 -0.32
CA ALA A 73 0.08 20.10 -0.64
C ALA A 73 1.21 19.10 -0.83
N PRO A 74 1.05 17.87 -0.29
CA PRO A 74 2.01 16.80 -0.54
C PRO A 74 1.96 16.37 -2.01
N GLU A 75 3.07 15.84 -2.51
CA GLU A 75 3.14 15.41 -3.90
C GLU A 75 3.27 13.90 -4.04
N VAL A 76 2.29 13.30 -4.71
CA VAL A 76 2.26 11.86 -4.97
C VAL A 76 2.58 11.57 -6.44
N ASN A 77 2.56 10.29 -6.80
CA ASN A 77 2.70 9.84 -8.20
C ASN A 77 3.84 10.50 -8.98
N ALA A 78 5.03 10.55 -8.38
CA ALA A 78 6.21 11.11 -9.06
C ALA A 78 6.56 10.30 -10.31
N LYS A 79 6.39 8.98 -10.20
CA LYS A 79 6.68 8.06 -11.30
C LYS A 79 5.64 8.12 -12.40
N ALA A 80 4.36 8.15 -12.01
CA ALA A 80 3.24 8.18 -12.96
C ALA A 80 3.17 9.49 -13.75
N LEU A 81 3.45 10.59 -13.09
CA LEU A 81 3.42 11.91 -13.73
C LEU A 81 4.58 12.09 -14.71
N ALA A 82 5.75 11.56 -14.34
CA ALA A 82 6.93 11.59 -15.20
C ALA A 82 6.69 10.82 -16.51
N TRP A 83 5.99 9.70 -16.40
CA TRP A 83 5.61 8.90 -17.58
C TRP A 83 4.68 9.69 -18.49
N GLY A 84 3.62 10.25 -17.92
CA GLY A 84 2.61 11.00 -18.66
C GLY A 84 3.17 12.21 -19.39
N LYS A 85 4.00 12.99 -18.69
CA LYS A 85 4.58 14.21 -19.24
C LYS A 85 5.52 13.95 -20.42
N GLN A 86 6.16 12.79 -20.41
CA GLN A 86 7.06 12.40 -21.50
C GLN A 86 6.28 12.17 -22.81
N TYR A 87 5.11 11.55 -22.69
CA TYR A 87 4.32 11.12 -23.85
C TYR A 87 3.08 11.96 -24.15
N GLU A 88 2.88 13.05 -23.41
CA GLU A 88 1.69 13.90 -23.59
C GLU A 88 1.58 14.55 -24.97
N ASN A 89 2.72 14.92 -25.57
CA ASN A 89 2.72 15.49 -26.91
C ASN A 89 2.37 14.47 -28.01
N ASP A 90 2.97 13.29 -27.93
CA ASP A 90 2.71 12.21 -28.88
C ASP A 90 1.28 11.68 -28.76
N ALA A 91 0.75 11.69 -27.53
CA ALA A 91 -0.63 11.29 -27.28
C ALA A 91 -1.61 12.25 -27.99
N ARG A 92 -1.39 13.55 -27.81
CA ARG A 92 -2.25 14.57 -28.40
C ARG A 92 -2.19 14.55 -29.92
N THR A 93 -0.97 14.42 -30.46
CA THR A 93 -0.75 14.38 -31.90
C THR A 93 -1.49 13.20 -32.54
N LEU A 94 -1.39 12.03 -31.92
CA LEU A 94 -2.09 10.85 -32.42
C LEU A 94 -3.60 10.96 -32.28
N PHE A 95 -4.07 11.55 -31.17
CA PHE A 95 -5.51 11.74 -30.99
C PHE A 95 -6.11 12.64 -32.05
N GLU A 96 -5.38 13.71 -32.39
CA GLU A 96 -5.78 14.68 -33.42
C GLU A 96 -5.90 14.02 -34.79
N PHE A 97 -4.98 13.11 -35.07
CA PHE A 97 -4.96 12.38 -36.34
C PHE A 97 -6.13 11.39 -36.44
N THR A 98 -6.37 10.67 -35.35
CA THR A 98 -7.39 9.61 -35.33
C THR A 98 -8.80 10.20 -35.33
N SER A 99 -9.03 11.18 -34.46
CA SER A 99 -10.34 11.79 -34.25
C SER A 99 -10.76 12.74 -35.37
N GLY A 100 -9.77 13.31 -36.05
CA GLY A 100 -10.01 14.33 -37.07
C GLY A 100 -10.38 15.65 -36.41
N VAL A 101 -10.02 15.79 -35.15
CA VAL A 101 -10.35 16.98 -34.36
C VAL A 101 -9.07 17.61 -33.84
N ASN A 102 -9.02 18.94 -33.80
CA ASN A 102 -7.85 19.66 -33.32
C ASN A 102 -7.98 20.06 -31.87
N VAL A 103 -6.90 19.86 -31.11
CA VAL A 103 -6.90 20.05 -29.65
C VAL A 103 -6.11 21.29 -29.24
N THR A 104 -6.73 22.11 -28.39
CA THR A 104 -6.06 23.26 -27.80
C THR A 104 -5.78 22.95 -26.33
N GLU A 105 -4.53 23.10 -25.91
CA GLU A 105 -4.16 22.90 -24.51
C GLU A 105 -4.85 23.92 -23.63
N SER A 106 -5.34 23.46 -22.48
CA SER A 106 -6.13 24.29 -21.59
C SER A 106 -5.53 24.35 -20.19
N PRO A 107 -5.40 25.56 -19.64
CA PRO A 107 -5.09 25.70 -18.21
C PRO A 107 -6.29 25.31 -17.37
N ILE A 108 -6.14 25.35 -16.05
CA ILE A 108 -7.22 25.07 -15.12
C ILE A 108 -8.47 25.89 -15.45
N ILE A 109 -9.63 25.28 -15.28
CA ILE A 109 -10.91 25.95 -15.48
C ILE A 109 -11.73 25.90 -14.20
N TYR A 110 -12.03 27.07 -13.66
CA TYR A 110 -12.93 27.17 -12.51
C TYR A 110 -14.36 27.32 -13.03
N ARG A 111 -15.30 26.73 -12.32
CA ARG A 111 -16.72 26.79 -12.69
C ARG A 111 -17.30 28.19 -12.54
N ASP A 112 -16.93 28.89 -11.47
CA ASP A 112 -17.49 30.21 -11.18
C ASP A 112 -16.52 31.12 -10.42
N GLU A 113 -16.99 32.33 -10.09
CA GLU A 113 -16.20 33.33 -9.40
C GLU A 113 -15.74 32.89 -8.01
N SER A 114 -16.53 32.05 -7.35
CA SER A 114 -16.18 31.52 -6.01
C SER A 114 -14.87 30.71 -6.02
N MET A 115 -14.53 30.16 -7.18
CA MET A 115 -13.28 29.41 -7.38
C MET A 115 -13.13 28.23 -6.41
N ARG A 116 -14.26 27.63 -6.02
CA ARG A 116 -14.28 26.51 -5.09
C ARG A 116 -14.21 25.17 -5.82
N THR A 117 -14.46 25.20 -7.12
CA THR A 117 -14.61 24.01 -7.95
C THR A 117 -13.90 24.21 -9.29
N ALA A 118 -13.16 23.19 -9.73
CA ALA A 118 -12.36 23.28 -10.96
C ALA A 118 -12.06 21.93 -11.61
N CYS A 119 -11.72 21.97 -12.89
CA CYS A 119 -11.17 20.82 -13.60
C CYS A 119 -9.97 21.25 -14.45
N SER A 120 -9.09 20.30 -14.77
CA SER A 120 -7.93 20.58 -15.59
C SER A 120 -7.91 19.64 -16.81
N PRO A 121 -8.60 20.03 -17.88
CA PRO A 121 -8.69 19.22 -19.09
C PRO A 121 -7.34 19.01 -19.75
N ASP A 122 -7.18 17.89 -20.46
CA ASP A 122 -5.97 17.66 -21.24
C ASP A 122 -6.03 18.41 -22.56
N GLY A 123 -7.20 18.99 -22.84
CA GLY A 123 -7.40 19.86 -23.99
C GLY A 123 -8.85 20.22 -24.21
N LEU A 124 -9.07 21.25 -25.03
CA LEU A 124 -10.41 21.62 -25.49
C LEU A 124 -10.46 21.46 -27.00
N CYS A 125 -11.45 20.70 -27.46
CA CYS A 125 -11.50 20.27 -28.86
C CYS A 125 -12.28 21.24 -29.76
N SER A 126 -11.94 21.21 -31.05
CA SER A 126 -12.53 22.11 -32.04
C SER A 126 -14.02 21.87 -32.29
N ASP A 127 -14.50 20.66 -31.97
CA ASP A 127 -15.92 20.32 -32.12
C ASP A 127 -16.75 20.73 -30.90
N GLY A 128 -16.08 21.23 -29.87
CA GLY A 128 -16.75 21.71 -28.65
C GLY A 128 -16.64 20.76 -27.47
N ASN A 129 -16.08 19.57 -27.69
CA ASN A 129 -15.88 18.60 -26.62
C ASN A 129 -14.63 18.88 -25.80
N GLY A 130 -14.63 18.43 -24.56
CA GLY A 130 -13.43 18.45 -23.73
C GLY A 130 -12.65 17.16 -23.96
N LEU A 131 -11.42 17.12 -23.45
CA LEU A 131 -10.57 15.95 -23.63
C LEU A 131 -9.86 15.53 -22.35
N GLU A 132 -10.05 14.26 -22.00
CA GLU A 132 -9.21 13.59 -21.03
C GLU A 132 -8.32 12.62 -21.81
N LEU A 133 -7.02 12.91 -21.81
CA LEU A 133 -6.05 12.09 -22.53
C LEU A 133 -5.00 11.55 -21.56
N ALA A 134 -5.12 10.27 -21.24
CA ALA A 134 -4.25 9.63 -20.26
C ALA A 134 -3.25 8.69 -20.92
N CYS A 135 -2.05 8.64 -20.35
CA CYS A 135 -1.05 7.66 -20.72
C CYS A 135 -0.87 6.71 -19.53
N PRO A 136 -1.73 5.67 -19.45
CA PRO A 136 -1.72 4.80 -18.27
C PRO A 136 -0.34 4.20 -18.02
N PHE A 137 0.08 4.21 -16.76
CA PHE A 137 1.43 3.73 -16.40
C PHE A 137 1.63 2.27 -16.76
N THR A 138 0.59 1.46 -16.64
CA THR A 138 0.65 0.06 -17.06
C THR A 138 -0.07 -0.15 -18.39
N SER A 139 0.49 -1.01 -19.22
CA SER A 139 -0.17 -1.43 -20.46
C SER A 139 -1.41 -2.26 -20.14
N ARG A 140 -1.41 -2.88 -18.95
CA ARG A 140 -2.57 -3.58 -18.41
C ARG A 140 -3.82 -2.69 -18.41
N ASP A 141 -3.67 -1.47 -17.91
CA ASP A 141 -4.78 -0.52 -17.85
C ASP A 141 -5.23 -0.06 -19.24
N PHE A 142 -4.28 0.09 -20.15
CA PHE A 142 -4.63 0.39 -21.53
C PHE A 142 -5.49 -0.71 -22.11
N MET A 143 -5.10 -1.97 -21.88
CA MET A 143 -5.80 -3.13 -22.43
C MET A 143 -7.21 -3.30 -21.87
N LYS A 144 -7.37 -2.99 -20.58
CA LYS A 144 -8.67 -3.03 -19.90
C LYS A 144 -9.69 -2.12 -20.60
N PHE A 145 -9.23 -0.92 -20.95
CA PHE A 145 -10.05 0.07 -21.64
C PHE A 145 -10.23 -0.29 -23.11
N ARG A 146 -9.13 -0.73 -23.74
CA ARG A 146 -9.16 -1.17 -25.14
C ARG A 146 -10.22 -2.24 -25.40
N LEU A 147 -10.30 -3.21 -24.50
CA LEU A 147 -11.22 -4.34 -24.67
C LEU A 147 -12.62 -4.10 -24.09
N GLY A 148 -12.69 -3.35 -22.99
CA GLY A 148 -13.94 -3.18 -22.25
C GLY A 148 -14.72 -1.92 -22.56
N GLY A 149 -14.06 -0.96 -23.18
CA GLY A 149 -14.66 0.35 -23.45
C GLY A 149 -14.79 1.13 -22.15
N PHE A 150 -15.72 2.06 -22.09
CA PHE A 150 -15.87 2.86 -20.87
C PHE A 150 -16.59 2.13 -19.73
N GLU A 151 -17.34 1.07 -20.06
CA GLU A 151 -17.95 0.22 -19.03
C GLU A 151 -16.91 -0.39 -18.08
N ALA A 152 -15.72 -0.67 -18.61
CA ALA A 152 -14.64 -1.26 -17.82
C ALA A 152 -14.03 -0.29 -16.81
N ILE A 153 -14.09 1.01 -17.11
CA ILE A 153 -13.45 2.02 -16.25
C ILE A 153 -14.38 3.10 -15.70
N LYS A 154 -15.67 3.00 -15.99
CA LYS A 154 -16.66 3.97 -15.50
C LYS A 154 -16.66 4.08 -13.97
N SER A 155 -16.36 2.97 -13.31
CA SER A 155 -16.20 2.94 -11.86
C SER A 155 -15.18 3.98 -11.39
N ALA A 156 -14.05 4.04 -12.09
CA ALA A 156 -12.95 4.92 -11.70
C ALA A 156 -13.05 6.35 -12.23
N TYR A 157 -13.56 6.53 -13.45
CA TYR A 157 -13.44 7.82 -14.14
C TYR A 157 -14.72 8.55 -14.54
N MET A 158 -15.88 7.90 -14.46
CA MET A 158 -17.13 8.56 -14.88
C MET A 158 -17.37 9.86 -14.10
N ALA A 159 -17.13 9.84 -12.79
CA ALA A 159 -17.34 11.01 -11.93
C ALA A 159 -16.47 12.20 -12.35
N GLN A 160 -15.18 11.94 -12.58
CA GLN A 160 -14.24 12.96 -13.05
C GLN A 160 -14.70 13.60 -14.38
N VAL A 161 -15.07 12.76 -15.34
CA VAL A 161 -15.54 13.22 -16.65
C VAL A 161 -16.83 14.04 -16.56
N GLN A 162 -17.82 13.54 -15.83
CA GLN A 162 -19.08 14.26 -15.64
C GLN A 162 -18.87 15.61 -14.93
N TYR A 163 -18.02 15.60 -13.89
CA TYR A 163 -17.69 16.81 -13.15
C TYR A 163 -17.04 17.87 -14.03
N SER A 164 -16.18 17.42 -14.95
CA SER A 164 -15.52 18.32 -15.91
C SER A 164 -16.53 18.99 -16.83
N MET A 165 -17.57 18.25 -17.21
CA MET A 165 -18.68 18.80 -18.00
C MET A 165 -19.55 19.74 -17.15
N TRP A 166 -19.70 19.41 -15.87
CA TRP A 166 -20.42 20.28 -14.92
C TRP A 166 -19.71 21.62 -14.76
N VAL A 167 -18.39 21.57 -14.62
CA VAL A 167 -17.54 22.75 -14.48
C VAL A 167 -17.51 23.62 -15.75
N THR A 168 -17.38 22.97 -16.91
CA THR A 168 -17.21 23.68 -18.19
C THR A 168 -18.52 23.98 -18.92
N ARG A 169 -19.61 23.39 -18.43
CA ARG A 169 -20.95 23.52 -19.04
C ARG A 169 -20.99 22.96 -20.48
N LYS A 170 -20.21 21.90 -20.70
CA LYS A 170 -20.13 21.21 -21.99
C LYS A 170 -21.03 19.98 -22.02
N ASN A 171 -21.34 19.50 -23.22
CA ASN A 171 -22.29 18.39 -23.40
C ASN A 171 -21.67 17.04 -23.73
N ALA A 172 -20.40 17.04 -24.13
CA ALA A 172 -19.69 15.80 -24.43
C ALA A 172 -18.20 15.88 -24.08
N TRP A 173 -17.57 14.72 -23.89
CA TRP A 173 -16.18 14.66 -23.48
C TRP A 173 -15.49 13.44 -24.07
N TYR A 174 -14.32 13.66 -24.68
CA TYR A 174 -13.49 12.56 -25.15
C TYR A 174 -12.73 11.95 -23.98
N PHE A 175 -12.75 10.64 -23.88
CA PHE A 175 -11.89 9.92 -22.93
C PHE A 175 -10.96 9.02 -23.71
N ALA A 176 -9.67 9.33 -23.67
CA ALA A 176 -8.67 8.63 -24.48
C ALA A 176 -7.53 8.08 -23.64
N ASN A 177 -6.98 6.93 -24.09
CA ASN A 177 -5.77 6.36 -23.51
C ASN A 177 -4.73 6.20 -24.62
N TYR A 178 -3.48 6.51 -24.30
CA TYR A 178 -2.37 6.29 -25.22
C TYR A 178 -1.29 5.43 -24.57
N ASP A 179 -0.83 4.42 -25.31
CA ASP A 179 0.24 3.55 -24.84
C ASP A 179 1.28 3.36 -25.95
N PRO A 180 2.45 4.00 -25.79
CA PRO A 180 3.53 3.95 -26.77
C PRO A 180 4.18 2.57 -26.88
N ARG A 181 3.96 1.72 -25.88
CA ARG A 181 4.52 0.37 -25.86
C ARG A 181 3.80 -0.59 -26.79
N MET A 182 2.52 -0.34 -27.04
CA MET A 182 1.75 -1.12 -28.02
C MET A 182 2.46 -1.13 -29.38
N LYS A 183 2.66 -2.32 -29.92
CA LYS A 183 3.35 -2.50 -31.21
C LYS A 183 2.61 -1.82 -32.36
N ARG A 184 1.29 -1.72 -32.23
CA ARG A 184 0.44 -0.98 -33.14
C ARG A 184 -0.87 -0.63 -32.44
N GLU A 185 -1.55 0.39 -32.95
CA GLU A 185 -2.88 0.80 -32.47
C GLU A 185 -2.86 1.17 -30.98
N GLY A 186 -2.02 2.15 -30.65
CA GLY A 186 -1.77 2.53 -29.26
C GLY A 186 -2.67 3.62 -28.72
N LEU A 187 -3.62 4.07 -29.54
CA LEU A 187 -4.64 5.03 -29.09
C LEU A 187 -6.05 4.42 -29.12
N HIS A 188 -6.76 4.55 -28.00
CA HIS A 188 -8.16 4.17 -27.91
C HIS A 188 -8.91 5.30 -27.25
N TYR A 189 -10.11 5.60 -27.74
CA TYR A 189 -10.94 6.62 -27.13
C TYR A 189 -12.43 6.33 -27.28
N VAL A 190 -13.22 6.92 -26.37
CA VAL A 190 -14.67 6.90 -26.45
C VAL A 190 -15.18 8.34 -26.28
N VAL A 191 -16.44 8.56 -26.65
CA VAL A 191 -17.09 9.83 -26.37
C VAL A 191 -18.12 9.62 -25.28
N ILE A 192 -18.01 10.42 -24.22
CA ILE A 192 -18.92 10.35 -23.09
C ILE A 192 -19.86 11.55 -23.10
N GLU A 193 -21.16 11.28 -23.08
CA GLU A 193 -22.17 12.33 -23.12
C GLU A 193 -22.52 12.84 -21.72
N ARG A 194 -22.93 14.10 -21.64
CA ARG A 194 -23.38 14.73 -20.40
C ARG A 194 -24.53 13.93 -19.78
N ASP A 195 -24.37 13.57 -18.50
CA ASP A 195 -25.39 12.84 -17.75
C ASP A 195 -26.04 13.76 -16.72
N GLU A 196 -27.32 14.06 -16.92
CA GLU A 196 -28.05 15.00 -16.06
C GLU A 196 -28.30 14.50 -14.65
N LYS A 197 -28.23 13.18 -14.45
CA LYS A 197 -28.32 12.60 -13.11
C LYS A 197 -27.07 12.93 -12.30
N TYR A 198 -25.91 12.92 -12.97
CA TYR A 198 -24.66 13.36 -12.37
C TYR A 198 -24.70 14.87 -12.12
N MET A 199 -25.24 15.62 -13.07
CA MET A 199 -25.37 17.08 -12.94
C MET A 199 -26.21 17.44 -11.72
N ALA A 200 -27.33 16.74 -11.55
CA ALA A 200 -28.22 16.94 -10.40
C ALA A 200 -27.53 16.56 -9.07
N SER A 201 -26.71 15.51 -9.11
CA SER A 201 -25.93 15.09 -7.95
C SER A 201 -24.96 16.18 -7.49
N PHE A 202 -24.26 16.79 -8.45
CA PHE A 202 -23.31 17.87 -8.16
C PHE A 202 -24.01 19.11 -7.65
N ASP A 203 -25.13 19.48 -8.29
CA ASP A 203 -25.92 20.65 -7.90
C ASP A 203 -26.42 20.57 -6.46
N GLU A 204 -26.59 19.36 -5.94
CA GLU A 204 -27.06 19.15 -4.58
C GLU A 204 -25.90 19.00 -3.59
N ILE A 205 -25.00 18.06 -3.88
CA ILE A 205 -23.97 17.63 -2.92
C ILE A 205 -22.76 18.57 -2.84
N VAL A 206 -22.36 19.16 -3.96
CA VAL A 206 -21.18 20.04 -3.98
C VAL A 206 -21.37 21.34 -3.17
N PRO A 207 -22.50 22.05 -3.36
CA PRO A 207 -22.73 23.25 -2.54
C PRO A 207 -22.74 22.99 -1.04
N GLU A 208 -23.39 21.90 -0.60
CA GLU A 208 -23.43 21.56 0.82
C GLU A 208 -22.05 21.19 1.38
N PHE A 209 -21.21 20.57 0.54
CA PHE A 209 -19.84 20.22 0.92
C PHE A 209 -19.03 21.50 1.16
N ILE A 210 -19.23 22.49 0.29
CA ILE A 210 -18.58 23.80 0.42
C ILE A 210 -19.05 24.52 1.68
N GLU A 211 -20.36 24.46 1.94
CA GLU A 211 -20.96 25.07 3.12
C GLU A 211 -20.39 24.47 4.40
N LYS A 212 -20.23 23.15 4.43
CA LYS A 212 -19.65 22.45 5.56
C LYS A 212 -18.17 22.78 5.76
N MET A 213 -17.45 23.03 4.67
CA MET A 213 -16.05 23.44 4.72
C MET A 213 -15.88 24.83 5.34
N ASP A 214 -16.70 25.78 4.88
CA ASP A 214 -16.69 27.14 5.42
C ASP A 214 -17.07 27.18 6.90
N GLU A 215 -17.98 26.29 7.31
CA GLU A 215 -18.36 26.15 8.71
C GLU A 215 -17.18 25.68 9.56
N ALA A 216 -16.43 24.69 9.06
CA ALA A 216 -15.26 24.18 9.77
C ALA A 216 -14.14 25.23 9.81
N LEU A 217 -13.93 25.92 8.69
CA LEU A 217 -12.92 27.00 8.63
C LEU A 217 -13.22 28.11 9.62
N ALA A 218 -14.49 28.50 9.74
CA ALA A 218 -14.92 29.54 10.68
C ALA A 218 -14.74 29.13 12.14
N GLU A 219 -14.89 27.83 12.40
CA GLU A 219 -14.71 27.27 13.73
C GLU A 219 -13.27 27.42 14.22
N ILE A 220 -12.32 27.37 13.29
CA ILE A 220 -10.91 27.47 13.63
C ILE A 220 -10.27 28.82 13.24
N GLY A 221 -11.11 29.78 12.89
CA GLY A 221 -10.68 31.15 12.60
C GLY A 221 -9.95 31.30 11.27
N PHE A 222 -10.30 30.47 10.30
CA PHE A 222 -9.76 30.58 8.94
C PHE A 222 -10.86 30.91 7.95
N VAL A 223 -10.46 31.40 6.77
CA VAL A 223 -11.40 31.71 5.69
C VAL A 223 -10.81 31.29 4.35
N PHE A 224 -11.67 30.80 3.44
CA PHE A 224 -11.21 30.41 2.10
C PHE A 224 -10.59 31.60 1.36
N GLY A 225 -9.42 31.35 0.77
CA GLY A 225 -8.64 32.39 0.10
C GLY A 225 -7.28 32.61 0.75
N GLU A 226 -7.14 32.14 2.00
CA GLU A 226 -5.91 32.35 2.76
C GLU A 226 -4.70 31.60 2.21
N GLN A 227 -4.95 30.53 1.45
CA GLN A 227 -3.89 29.74 0.83
C GLN A 227 -3.15 30.51 -0.29
N TRP A 228 -3.81 31.55 -0.83
CA TRP A 228 -3.25 32.33 -1.93
C TRP A 228 -2.68 33.67 -1.48
N ARG A 229 -2.07 33.68 -0.30
CA ARG A 229 -1.41 34.87 0.23
C ARG A 229 -0.02 34.54 0.76
N SER B 2 4.82 -32.03 -23.21
CA SER B 2 4.26 -33.37 -23.57
C SER B 2 4.70 -33.79 -24.96
N HIS B 3 4.56 -32.88 -25.92
CA HIS B 3 5.23 -33.00 -27.22
C HIS B 3 6.18 -31.83 -27.44
N MET B 4 6.41 -31.07 -26.37
CA MET B 4 7.33 -29.95 -26.37
C MET B 4 8.77 -30.42 -26.58
N THR B 5 9.49 -29.70 -27.44
CA THR B 5 10.89 -29.99 -27.74
C THR B 5 11.69 -28.69 -27.72
N PRO B 6 13.01 -28.75 -27.45
CA PRO B 6 13.86 -27.56 -27.49
C PRO B 6 13.84 -26.87 -28.87
N ASP B 7 13.68 -27.63 -29.93
CA ASP B 7 13.63 -27.08 -31.29
C ASP B 7 12.42 -26.15 -31.50
N ILE B 8 11.27 -26.55 -30.96
CA ILE B 8 10.04 -25.74 -31.03
C ILE B 8 10.24 -24.38 -30.38
N ILE B 9 10.88 -24.36 -29.21
CA ILE B 9 11.23 -23.13 -28.51
C ILE B 9 12.15 -22.25 -29.37
N LEU B 10 13.19 -22.87 -29.94
CA LEU B 10 14.13 -22.17 -30.81
C LEU B 10 13.48 -21.60 -32.08
N GLN B 11 12.60 -22.39 -32.70
CA GLN B 11 11.95 -21.95 -33.95
C GLN B 11 10.92 -20.84 -33.75
N ARG B 12 10.34 -20.75 -32.55
CA ARG B 12 9.35 -19.74 -32.25
C ARG B 12 9.95 -18.47 -31.64
N THR B 13 11.01 -18.63 -30.86
CA THR B 13 11.58 -17.52 -30.08
C THR B 13 13.01 -17.15 -30.49
N GLY B 14 13.68 -18.05 -31.20
CA GLY B 14 15.10 -17.87 -31.52
C GLY B 14 16.03 -18.14 -30.34
N ILE B 15 15.46 -18.60 -29.23
CA ILE B 15 16.21 -18.79 -27.99
C ILE B 15 16.52 -20.27 -27.72
N ASP B 16 17.77 -20.53 -27.34
CA ASP B 16 18.18 -21.86 -26.91
C ASP B 16 17.89 -22.06 -25.42
N VAL B 17 16.88 -22.87 -25.13
CA VAL B 17 16.61 -23.31 -23.76
C VAL B 17 17.77 -24.24 -23.36
N ARG B 18 18.07 -24.31 -22.06
CA ARG B 18 19.27 -24.99 -21.54
C ARG B 18 20.43 -24.00 -21.36
N ALA B 19 20.49 -22.99 -22.22
CA ALA B 19 21.48 -21.91 -22.10
C ALA B 19 20.92 -20.75 -21.28
N VAL B 20 19.60 -20.80 -21.03
CA VAL B 20 18.90 -19.77 -20.26
C VAL B 20 19.23 -19.91 -18.77
N GLU B 21 19.74 -18.82 -18.18
CA GLU B 21 20.28 -18.84 -16.82
C GLU B 21 19.41 -18.15 -15.77
N GLN B 22 18.09 -18.26 -15.95
CA GLN B 22 17.07 -17.75 -14.99
C GLN B 22 17.30 -16.30 -14.51
N GLY B 23 16.56 -15.38 -15.12
CA GLY B 23 16.68 -13.96 -14.78
C GLY B 23 17.27 -13.11 -15.88
N ASP B 24 17.88 -13.76 -16.88
CA ASP B 24 18.46 -13.04 -18.02
C ASP B 24 17.38 -12.58 -19.01
N ASP B 25 17.80 -11.82 -20.02
CA ASP B 25 16.90 -11.27 -21.04
C ASP B 25 16.06 -12.36 -21.72
N ALA B 26 16.70 -13.48 -22.06
CA ALA B 26 16.02 -14.60 -22.70
C ALA B 26 14.92 -15.19 -21.81
N TRP B 27 15.18 -15.27 -20.50
CA TRP B 27 14.21 -15.81 -19.54
C TRP B 27 12.96 -14.94 -19.43
N HIS B 28 13.17 -13.63 -19.35
CA HIS B 28 12.06 -12.66 -19.36
C HIS B 28 11.24 -12.80 -20.65
N LYS B 29 11.94 -12.92 -21.77
CA LYS B 29 11.32 -13.06 -23.09
C LYS B 29 10.42 -14.28 -23.19
N LEU B 30 10.86 -15.40 -22.63
CA LEU B 30 10.13 -16.68 -22.71
C LEU B 30 8.84 -16.72 -21.87
N ARG B 31 8.71 -15.81 -20.90
CA ARG B 31 7.54 -15.77 -20.03
C ARG B 31 6.41 -14.89 -20.58
N LEU B 32 6.70 -14.11 -21.62
CA LEU B 32 5.75 -13.12 -22.17
C LEU B 32 4.46 -13.74 -22.70
N GLY B 33 3.35 -13.39 -22.05
CA GLY B 33 2.01 -13.88 -22.41
C GLY B 33 1.66 -15.26 -21.87
N VAL B 34 2.59 -15.85 -21.12
CA VAL B 34 2.47 -17.22 -20.63
C VAL B 34 1.85 -17.24 -19.23
N ILE B 35 0.89 -18.14 -19.01
CA ILE B 35 0.32 -18.33 -17.69
C ILE B 35 1.36 -19.04 -16.83
N THR B 36 1.93 -18.33 -15.86
CA THR B 36 3.05 -18.84 -15.09
C THR B 36 2.69 -19.17 -13.64
N ALA B 37 3.52 -20.01 -13.01
CA ALA B 37 3.27 -20.51 -11.65
C ALA B 37 3.05 -19.43 -10.59
N SER B 38 3.96 -18.46 -10.52
CA SER B 38 3.90 -17.42 -9.49
C SER B 38 2.71 -16.47 -9.63
N GLU B 39 1.98 -16.59 -10.73
CA GLU B 39 0.84 -15.70 -11.01
C GLU B 39 -0.48 -16.45 -11.17
N VAL B 40 -0.46 -17.77 -11.06
CA VAL B 40 -1.63 -18.58 -11.37
C VAL B 40 -2.77 -18.48 -10.34
N HIS B 41 -2.45 -18.07 -9.12
CA HIS B 41 -3.46 -17.83 -8.08
C HIS B 41 -4.56 -16.89 -8.56
N ASN B 42 -4.19 -15.99 -9.48
CA ASN B 42 -5.12 -15.06 -10.11
C ASN B 42 -6.10 -15.78 -11.04
N VAL B 43 -5.60 -16.79 -11.76
CA VAL B 43 -6.42 -17.55 -12.71
C VAL B 43 -7.49 -18.39 -12.01
N ILE B 44 -7.15 -18.95 -10.85
CA ILE B 44 -8.09 -19.82 -10.12
C ILE B 44 -8.95 -19.09 -9.08
N ALA B 45 -8.75 -17.78 -8.96
CA ALA B 45 -9.56 -16.94 -8.07
C ALA B 45 -11.02 -16.94 -8.48
N LYS B 46 -11.90 -17.12 -7.50
CA LYS B 46 -13.34 -17.24 -7.75
C LYS B 46 -14.11 -16.12 -7.04
N PRO B 47 -15.27 -15.72 -7.60
CA PRO B 47 -16.16 -14.85 -6.84
C PRO B 47 -16.86 -15.63 -5.73
N ARG B 48 -17.17 -14.95 -4.62
CA ARG B 48 -17.89 -15.58 -3.51
C ARG B 48 -19.36 -15.82 -3.84
N SER B 49 -19.83 -15.18 -4.92
CA SER B 49 -21.17 -15.39 -5.46
C SER B 49 -21.16 -15.02 -6.94
N GLY B 50 -21.97 -15.73 -7.73
CA GLY B 50 -22.05 -15.47 -9.17
C GLY B 50 -20.91 -16.09 -9.95
N LYS B 51 -20.70 -15.61 -11.17
CA LYS B 51 -19.66 -16.14 -12.06
C LYS B 51 -18.70 -15.07 -12.59
N LYS B 52 -18.98 -13.82 -12.23
CA LYS B 52 -18.18 -12.67 -12.68
C LYS B 52 -16.75 -12.77 -12.14
N TRP B 53 -15.78 -12.74 -13.05
CA TRP B 53 -14.37 -12.81 -12.72
C TRP B 53 -13.98 -11.74 -11.69
N PRO B 54 -13.25 -12.14 -10.63
CA PRO B 54 -12.73 -11.16 -9.67
C PRO B 54 -11.73 -10.22 -10.34
N ASP B 55 -11.56 -9.02 -9.79
CA ASP B 55 -10.69 -8.01 -10.39
C ASP B 55 -9.25 -8.49 -10.58
N MET B 56 -8.73 -9.25 -9.61
CA MET B 56 -7.38 -9.80 -9.70
C MET B 56 -7.20 -10.78 -10.87
N LYS B 57 -8.23 -11.56 -11.15
CA LYS B 57 -8.23 -12.46 -12.31
C LYS B 57 -8.27 -11.67 -13.61
N MET B 58 -9.17 -10.70 -13.68
CA MET B 58 -9.30 -9.83 -14.85
C MET B 58 -8.03 -9.02 -15.09
N SER B 59 -7.40 -8.57 -14.00
CA SER B 59 -6.17 -7.80 -14.07
C SER B 59 -5.00 -8.60 -14.64
N TYR B 60 -4.90 -9.87 -14.25
CA TYR B 60 -3.86 -10.75 -14.77
C TYR B 60 -4.13 -11.07 -16.25
N PHE B 61 -5.40 -11.33 -16.56
CA PHE B 61 -5.89 -11.49 -17.93
C PHE B 61 -5.41 -10.35 -18.83
N HIS B 62 -5.64 -9.11 -18.41
CA HIS B 62 -5.18 -7.95 -19.17
C HIS B 62 -3.66 -7.74 -19.12
N THR B 63 -3.02 -8.20 -18.06
CA THR B 63 -1.55 -8.11 -17.96
C THR B 63 -0.89 -9.01 -19.01
N LEU B 64 -1.40 -10.23 -19.15
CA LEU B 64 -0.87 -11.17 -20.15
C LEU B 64 -1.13 -10.71 -21.58
N LEU B 65 -2.34 -10.25 -21.85
CA LEU B 65 -2.68 -9.69 -23.15
C LEU B 65 -1.79 -8.50 -23.51
N ALA B 66 -1.51 -7.64 -22.53
CA ALA B 66 -0.58 -6.51 -22.72
C ALA B 66 0.81 -6.98 -23.11
N GLU B 67 1.29 -8.06 -22.47
CA GLU B 67 2.58 -8.65 -22.82
C GLU B 67 2.64 -9.13 -24.27
N VAL B 68 1.54 -9.70 -24.76
CA VAL B 68 1.46 -10.20 -26.14
C VAL B 68 1.52 -9.05 -27.17
N CYS B 69 0.79 -7.99 -26.89
CA CYS B 69 0.62 -6.88 -27.84
C CYS B 69 1.74 -5.84 -27.81
N THR B 70 2.47 -5.77 -26.69
CA THR B 70 3.60 -4.84 -26.57
C THR B 70 4.94 -5.55 -26.75
N GLY B 71 4.97 -6.86 -26.46
CA GLY B 71 6.21 -7.64 -26.50
C GLY B 71 7.17 -7.33 -25.36
N VAL B 72 6.68 -6.67 -24.32
CA VAL B 72 7.50 -6.30 -23.15
C VAL B 72 6.76 -6.53 -21.84
N ALA B 73 7.51 -6.59 -20.74
CA ALA B 73 6.94 -6.59 -19.39
C ALA B 73 7.62 -5.51 -18.56
N PRO B 74 6.83 -4.78 -17.75
CA PRO B 74 7.41 -3.70 -16.94
C PRO B 74 8.32 -4.21 -15.82
N GLU B 75 9.26 -3.38 -15.40
CA GLU B 75 10.17 -3.70 -14.31
C GLU B 75 9.74 -2.94 -13.05
N VAL B 76 9.54 -3.67 -11.96
CA VAL B 76 9.23 -3.05 -10.68
C VAL B 76 10.32 -3.38 -9.66
N ASN B 77 10.58 -2.44 -8.77
CA ASN B 77 11.59 -2.62 -7.73
C ASN B 77 11.10 -2.16 -6.36
N ALA B 78 11.45 -2.93 -5.35
CA ALA B 78 11.10 -2.63 -3.96
C ALA B 78 11.98 -3.45 -3.04
N LYS B 79 12.12 -2.99 -1.79
CA LYS B 79 12.96 -3.67 -0.80
C LYS B 79 12.66 -5.16 -0.63
N ALA B 80 11.38 -5.50 -0.52
CA ALA B 80 10.98 -6.89 -0.29
C ALA B 80 11.38 -7.79 -1.46
N LEU B 81 11.25 -7.24 -2.67
CA LEU B 81 11.60 -7.95 -3.90
C LEU B 81 13.10 -8.17 -4.01
N ALA B 82 13.87 -7.13 -3.69
CA ALA B 82 15.33 -7.22 -3.69
C ALA B 82 15.82 -8.24 -2.68
N TRP B 83 15.22 -8.23 -1.49
CA TRP B 83 15.54 -9.17 -0.41
C TRP B 83 15.40 -10.63 -0.84
N GLY B 84 14.23 -10.95 -1.41
CA GLY B 84 13.96 -12.31 -1.91
C GLY B 84 14.98 -12.73 -2.97
N LYS B 85 15.30 -11.79 -3.87
CA LYS B 85 16.29 -12.02 -4.92
C LYS B 85 17.68 -12.25 -4.32
N GLN B 86 18.02 -11.46 -3.30
CA GLN B 86 19.35 -11.50 -2.68
C GLN B 86 19.68 -12.83 -2.01
N TYR B 87 18.74 -13.39 -1.25
CA TYR B 87 19.03 -14.54 -0.40
C TYR B 87 18.60 -15.91 -0.95
N GLU B 88 18.06 -15.91 -2.17
CA GLU B 88 17.64 -17.14 -2.83
C GLU B 88 18.76 -18.17 -2.91
N ASN B 89 19.95 -17.73 -3.33
CA ASN B 89 21.12 -18.61 -3.48
C ASN B 89 21.55 -19.26 -2.16
N ASP B 90 21.65 -18.45 -1.10
CA ASP B 90 22.01 -18.95 0.23
C ASP B 90 20.94 -19.90 0.79
N ALA B 91 19.69 -19.60 0.50
CA ALA B 91 18.55 -20.45 0.89
C ALA B 91 18.68 -21.84 0.28
N ARG B 92 18.96 -21.90 -1.01
CA ARG B 92 19.11 -23.16 -1.74
C ARG B 92 20.27 -24.00 -1.19
N THR B 93 21.43 -23.36 -1.01
CA THR B 93 22.62 -24.02 -0.44
C THR B 93 22.35 -24.59 0.95
N LEU B 94 21.66 -23.81 1.80
CA LEU B 94 21.34 -24.27 3.16
C LEU B 94 20.30 -25.39 3.13
N PHE B 95 19.35 -25.31 2.19
CA PHE B 95 18.37 -26.37 2.00
C PHE B 95 19.06 -27.69 1.67
N GLU B 96 20.03 -27.65 0.75
CA GLU B 96 20.81 -28.82 0.35
C GLU B 96 21.57 -29.43 1.53
N PHE B 97 22.15 -28.56 2.36
CA PHE B 97 22.95 -28.98 3.51
C PHE B 97 22.08 -29.58 4.63
N THR B 98 20.88 -29.05 4.80
CA THR B 98 19.96 -29.54 5.84
C THR B 98 19.24 -30.82 5.41
N SER B 99 18.67 -30.81 4.21
CA SER B 99 17.88 -31.93 3.70
C SER B 99 18.73 -33.10 3.21
N GLY B 100 19.94 -32.80 2.72
CA GLY B 100 20.84 -33.81 2.19
C GLY B 100 20.54 -34.21 0.75
N VAL B 101 19.65 -33.46 0.11
CA VAL B 101 19.31 -33.71 -1.28
C VAL B 101 20.06 -32.76 -2.21
N ASN B 102 20.40 -33.25 -3.40
CA ASN B 102 21.09 -32.44 -4.39
C ASN B 102 20.10 -31.67 -5.26
N VAL B 103 20.35 -30.38 -5.43
CA VAL B 103 19.46 -29.51 -6.20
C VAL B 103 20.12 -29.05 -7.50
N THR B 104 19.38 -29.19 -8.59
CA THR B 104 19.81 -28.71 -9.90
C THR B 104 18.91 -27.55 -10.31
N GLU B 105 19.52 -26.46 -10.77
CA GLU B 105 18.76 -25.31 -11.23
C GLU B 105 18.20 -25.56 -12.62
N SER B 106 16.96 -25.09 -12.83
CA SER B 106 16.28 -25.27 -14.10
C SER B 106 15.79 -23.93 -14.63
N PRO B 107 15.92 -23.70 -15.94
CA PRO B 107 15.21 -22.58 -16.52
C PRO B 107 13.71 -22.91 -16.61
N ILE B 108 12.98 -22.13 -17.41
CA ILE B 108 11.55 -22.32 -17.59
C ILE B 108 11.20 -23.74 -18.06
N ILE B 109 10.05 -24.25 -17.63
CA ILE B 109 9.53 -25.53 -18.12
C ILE B 109 8.09 -25.32 -18.57
N TYR B 110 7.83 -25.61 -19.85
CA TYR B 110 6.47 -25.53 -20.39
C TYR B 110 5.73 -26.85 -20.20
N ARG B 111 4.42 -26.77 -19.99
CA ARG B 111 3.61 -27.97 -19.83
C ARG B 111 3.52 -28.76 -21.15
N ASP B 112 3.37 -28.05 -22.25
CA ASP B 112 3.24 -28.69 -23.56
C ASP B 112 3.74 -27.79 -24.71
N GLU B 113 3.61 -28.28 -25.93
CA GLU B 113 4.13 -27.58 -27.13
C GLU B 113 3.45 -26.24 -27.43
N SER B 114 2.29 -25.98 -26.83
CA SER B 114 1.56 -24.72 -27.08
C SER B 114 2.27 -23.50 -26.49
N MET B 115 3.08 -23.73 -25.45
CA MET B 115 3.81 -22.66 -24.75
C MET B 115 2.88 -21.62 -24.11
N ARG B 116 1.68 -22.05 -23.74
CA ARG B 116 0.70 -21.16 -23.10
C ARG B 116 0.85 -21.17 -21.59
N THR B 117 1.49 -22.22 -21.07
CA THR B 117 1.55 -22.49 -19.63
C THR B 117 2.95 -22.97 -19.24
N ALA B 118 3.50 -22.43 -18.16
CA ALA B 118 4.86 -22.76 -17.72
C ALA B 118 5.14 -22.44 -16.24
N CYS B 119 6.23 -22.99 -15.72
CA CYS B 119 6.73 -22.64 -14.39
C CYS B 119 8.24 -22.46 -14.40
N SER B 120 8.75 -21.70 -13.45
CA SER B 120 10.18 -21.48 -13.30
C SER B 120 10.62 -21.95 -11.90
N PRO B 121 10.88 -23.25 -11.74
CA PRO B 121 11.18 -23.77 -10.40
C PRO B 121 12.41 -23.13 -9.76
N ASP B 122 12.41 -23.04 -8.43
CA ASP B 122 13.59 -22.60 -7.69
C ASP B 122 14.68 -23.67 -7.67
N GLY B 123 14.29 -24.90 -8.03
CA GLY B 123 15.24 -26.00 -8.19
C GLY B 123 14.54 -27.32 -8.46
N LEU B 124 15.32 -28.28 -8.95
CA LEU B 124 14.86 -29.66 -9.12
C LEU B 124 15.78 -30.61 -8.36
N CYS B 125 15.19 -31.49 -7.56
CA CYS B 125 15.94 -32.32 -6.61
C CYS B 125 16.25 -33.72 -7.11
N SER B 126 17.32 -34.30 -6.55
CA SER B 126 17.79 -35.64 -6.92
C SER B 126 16.83 -36.77 -6.53
N ASP B 127 15.84 -36.46 -5.69
CA ASP B 127 14.84 -37.44 -5.27
C ASP B 127 13.55 -37.39 -6.11
N GLY B 128 13.54 -36.51 -7.11
CA GLY B 128 12.40 -36.41 -8.02
C GLY B 128 11.39 -35.34 -7.64
N ASN B 129 11.64 -34.65 -6.53
CA ASN B 129 10.82 -33.51 -6.14
C ASN B 129 11.32 -32.22 -6.77
N GLY B 130 10.44 -31.23 -6.88
CA GLY B 130 10.84 -29.88 -7.23
C GLY B 130 11.10 -29.10 -5.96
N LEU B 131 11.55 -27.85 -6.10
CA LEU B 131 11.83 -27.01 -4.93
C LEU B 131 11.40 -25.56 -5.16
N GLU B 132 10.68 -25.04 -4.17
CA GLU B 132 10.34 -23.62 -4.11
C GLU B 132 10.93 -23.03 -2.83
N LEU B 133 11.69 -21.93 -2.98
CA LEU B 133 12.27 -21.21 -1.85
C LEU B 133 11.54 -19.90 -1.64
N ALA B 134 11.44 -19.48 -0.39
CA ALA B 134 10.98 -18.12 -0.08
C ALA B 134 11.85 -17.53 1.02
N CYS B 135 12.21 -16.27 0.84
CA CYS B 135 12.97 -15.53 1.84
C CYS B 135 12.15 -14.31 2.25
N PRO B 136 11.22 -14.49 3.21
CA PRO B 136 10.30 -13.42 3.56
C PRO B 136 11.06 -12.19 4.04
N PHE B 137 10.70 -11.01 3.51
CA PHE B 137 11.33 -9.77 3.91
C PHE B 137 11.09 -9.48 5.40
N THR B 138 9.91 -9.83 5.88
CA THR B 138 9.58 -9.69 7.29
C THR B 138 9.89 -10.99 8.01
N SER B 139 10.67 -10.89 9.08
CA SER B 139 10.92 -12.04 9.95
C SER B 139 9.61 -12.54 10.58
N ARG B 140 8.65 -11.63 10.70
CA ARG B 140 7.28 -11.95 11.11
C ARG B 140 6.70 -13.10 10.30
N ASP B 141 6.74 -12.96 8.97
CA ASP B 141 6.16 -13.95 8.07
C ASP B 141 6.95 -15.25 8.02
N PHE B 142 8.27 -15.17 8.19
CA PHE B 142 9.08 -16.37 8.37
C PHE B 142 8.65 -17.10 9.65
N MET B 143 8.44 -16.34 10.72
CA MET B 143 8.03 -16.90 12.01
C MET B 143 6.65 -17.57 11.91
N LYS B 144 5.76 -16.99 11.11
CA LYS B 144 4.43 -17.55 10.87
C LYS B 144 4.52 -18.93 10.22
N PHE B 145 5.44 -19.09 9.27
CA PHE B 145 5.68 -20.38 8.60
C PHE B 145 6.41 -21.37 9.50
N ARG B 146 7.43 -20.88 10.21
CA ARG B 146 8.17 -21.70 11.17
C ARG B 146 7.26 -22.36 12.21
N LEU B 147 6.27 -21.61 12.68
CA LEU B 147 5.38 -22.09 13.74
C LEU B 147 4.15 -22.84 13.24
N GLY B 148 3.62 -22.42 12.09
CA GLY B 148 2.36 -22.97 11.57
C GLY B 148 2.51 -24.06 10.54
N GLY B 149 3.59 -24.01 9.76
CA GLY B 149 3.90 -25.03 8.76
C GLY B 149 2.94 -25.02 7.57
N PHE B 150 2.47 -26.21 7.20
CA PHE B 150 1.58 -26.40 6.05
C PHE B 150 0.36 -25.47 6.04
N GLU B 151 -0.31 -25.36 7.18
CA GLU B 151 -1.51 -24.53 7.30
C GLU B 151 -1.22 -23.03 7.27
N ALA B 152 0.05 -22.67 7.42
CA ALA B 152 0.48 -21.27 7.41
C ALA B 152 0.91 -20.78 6.02
N ILE B 153 1.11 -21.71 5.09
CA ILE B 153 1.51 -21.40 3.72
C ILE B 153 0.51 -20.45 3.04
N LYS B 154 1.03 -19.38 2.46
CA LYS B 154 0.21 -18.40 1.74
C LYS B 154 -0.46 -19.06 0.53
N SER B 155 -1.71 -18.71 0.29
CA SER B 155 -2.51 -19.33 -0.77
C SER B 155 -1.90 -19.15 -2.17
N ALA B 156 -1.18 -18.05 -2.37
CA ALA B 156 -0.50 -17.79 -3.64
C ALA B 156 0.65 -18.78 -3.87
N TYR B 157 1.39 -19.08 -2.80
CA TYR B 157 2.49 -20.04 -2.85
C TYR B 157 1.97 -21.47 -3.10
N MET B 158 0.85 -21.81 -2.48
CA MET B 158 0.25 -23.13 -2.66
C MET B 158 -0.19 -23.33 -4.11
N ALA B 159 -0.88 -22.33 -4.67
CA ALA B 159 -1.28 -22.36 -6.06
C ALA B 159 -0.06 -22.45 -6.99
N GLN B 160 1.01 -21.72 -6.64
CA GLN B 160 2.27 -21.74 -7.38
C GLN B 160 2.93 -23.13 -7.37
N VAL B 161 3.01 -23.74 -6.19
CA VAL B 161 3.61 -25.07 -6.04
C VAL B 161 2.77 -26.16 -6.73
N GLN B 162 1.46 -26.13 -6.54
CA GLN B 162 0.57 -27.09 -7.19
C GLN B 162 0.60 -26.99 -8.72
N TYR B 163 0.62 -25.75 -9.22
CA TYR B 163 0.73 -25.48 -10.65
C TYR B 163 2.03 -26.03 -11.24
N SER B 164 3.11 -25.90 -10.49
CA SER B 164 4.42 -26.40 -10.90
C SER B 164 4.39 -27.92 -11.06
N MET B 165 3.68 -28.60 -10.16
CA MET B 165 3.48 -30.05 -10.27
C MET B 165 2.60 -30.42 -11.46
N TRP B 166 1.59 -29.60 -11.73
CA TRP B 166 0.74 -29.76 -12.92
C TRP B 166 1.54 -29.60 -14.22
N VAL B 167 2.43 -28.61 -14.25
CA VAL B 167 3.28 -28.33 -15.40
C VAL B 167 4.33 -29.43 -15.66
N THR B 168 5.01 -29.84 -14.59
CA THR B 168 6.13 -30.79 -14.69
C THR B 168 5.70 -32.26 -14.59
N ARG B 169 4.43 -32.48 -14.24
CA ARG B 169 3.89 -33.83 -14.00
C ARG B 169 4.57 -34.56 -12.83
N LYS B 170 5.10 -33.79 -11.87
CA LYS B 170 5.75 -34.36 -10.69
C LYS B 170 4.74 -34.59 -9.56
N ASN B 171 5.14 -35.34 -8.53
CA ASN B 171 4.21 -35.75 -7.47
C ASN B 171 4.40 -35.07 -6.11
N ALA B 172 5.55 -34.43 -5.92
CA ALA B 172 5.86 -33.74 -4.67
C ALA B 172 6.84 -32.59 -4.89
N TRP B 173 6.72 -31.56 -4.03
CA TRP B 173 7.47 -30.33 -4.17
C TRP B 173 7.85 -29.82 -2.79
N TYR B 174 9.14 -29.54 -2.59
CA TYR B 174 9.62 -28.96 -1.34
C TYR B 174 9.21 -27.49 -1.28
N PHE B 175 8.83 -27.04 -0.09
CA PHE B 175 8.62 -25.61 0.13
C PHE B 175 9.41 -25.18 1.35
N ALA B 176 10.43 -24.37 1.10
CA ALA B 176 11.38 -23.95 2.12
C ALA B 176 11.33 -22.44 2.35
N ASN B 177 11.47 -22.05 3.61
CA ASN B 177 11.63 -20.65 3.97
C ASN B 177 12.96 -20.41 4.65
N TYR B 178 13.59 -19.28 4.32
CA TYR B 178 14.90 -18.92 4.87
C TYR B 178 14.97 -17.48 5.35
N ASP B 179 15.50 -17.31 6.56
CA ASP B 179 15.75 -15.99 7.14
C ASP B 179 17.17 -15.95 7.71
N PRO B 180 18.06 -15.17 7.06
CA PRO B 180 19.45 -15.04 7.49
C PRO B 180 19.62 -14.28 8.81
N ARG B 181 18.59 -13.52 9.20
CA ARG B 181 18.60 -12.74 10.44
C ARG B 181 18.39 -13.59 11.70
N MET B 182 17.74 -14.74 11.53
CA MET B 182 17.50 -15.66 12.64
C MET B 182 18.81 -16.20 13.19
N LYS B 183 19.04 -16.01 14.48
CA LYS B 183 20.25 -16.53 15.15
C LYS B 183 20.32 -18.05 14.99
N ARG B 184 19.20 -18.72 15.30
CA ARG B 184 19.04 -20.15 15.07
C ARG B 184 17.73 -20.39 14.34
N GLU B 185 17.50 -21.64 13.91
CA GLU B 185 16.25 -22.08 13.28
C GLU B 185 15.93 -21.31 11.99
N GLY B 186 16.97 -20.88 11.29
CA GLY B 186 16.82 -19.98 10.13
C GLY B 186 16.26 -20.59 8.87
N LEU B 187 16.25 -21.92 8.80
CA LEU B 187 15.64 -22.62 7.67
C LEU B 187 14.51 -23.54 8.14
N HIS B 188 13.42 -23.53 7.38
CA HIS B 188 12.30 -24.42 7.63
C HIS B 188 11.71 -24.83 6.30
N TYR B 189 11.43 -26.12 6.15
CA TYR B 189 10.81 -26.61 4.92
C TYR B 189 9.77 -27.70 5.18
N VAL B 190 8.89 -27.87 4.20
CA VAL B 190 7.90 -28.94 4.18
C VAL B 190 7.89 -29.61 2.81
N VAL B 191 7.25 -30.76 2.71
CA VAL B 191 6.98 -31.39 1.41
C VAL B 191 5.49 -31.25 1.13
N ILE B 192 5.16 -30.62 0.00
CA ILE B 192 3.77 -30.47 -0.43
C ILE B 192 3.46 -31.55 -1.46
N GLU B 193 2.46 -32.38 -1.16
CA GLU B 193 2.06 -33.46 -2.06
C GLU B 193 1.18 -32.93 -3.18
N ARG B 194 1.22 -33.62 -4.32
CA ARG B 194 0.32 -33.34 -5.44
C ARG B 194 -1.12 -33.41 -4.94
N ASP B 195 -1.88 -32.35 -5.21
CA ASP B 195 -3.28 -32.28 -4.81
C ASP B 195 -4.17 -32.32 -6.05
N GLU B 196 -4.94 -33.39 -6.18
CA GLU B 196 -5.77 -33.61 -7.37
C GLU B 196 -6.97 -32.66 -7.45
N LYS B 197 -7.30 -32.01 -6.34
CA LYS B 197 -8.32 -30.96 -6.32
C LYS B 197 -7.81 -29.74 -7.07
N TYR B 198 -6.52 -29.44 -6.89
CA TYR B 198 -5.84 -28.41 -7.66
C TYR B 198 -5.64 -28.81 -9.12
N MET B 199 -5.25 -30.06 -9.34
CA MET B 199 -5.04 -30.59 -10.70
C MET B 199 -6.34 -30.50 -11.52
N ALA B 200 -7.47 -30.86 -10.88
CA ALA B 200 -8.78 -30.77 -11.53
C ALA B 200 -9.17 -29.31 -11.82
N SER B 201 -8.82 -28.42 -10.89
CA SER B 201 -9.08 -27.00 -11.06
C SER B 201 -8.31 -26.40 -12.25
N PHE B 202 -7.04 -26.79 -12.39
CA PHE B 202 -6.21 -26.33 -13.51
C PHE B 202 -6.70 -26.88 -14.84
N ASP B 203 -7.04 -28.16 -14.86
CA ASP B 203 -7.57 -28.84 -16.06
C ASP B 203 -8.86 -28.20 -16.58
N GLU B 204 -9.60 -27.55 -15.67
CA GLU B 204 -10.87 -26.90 -16.03
C GLU B 204 -10.70 -25.42 -16.37
N ILE B 205 -10.06 -24.67 -15.47
CA ILE B 205 -10.01 -23.20 -15.56
C ILE B 205 -8.95 -22.68 -16.54
N VAL B 206 -7.80 -23.34 -16.60
CA VAL B 206 -6.69 -22.88 -17.45
C VAL B 206 -7.00 -22.90 -18.97
N PRO B 207 -7.49 -24.05 -19.50
CA PRO B 207 -7.85 -24.03 -20.93
C PRO B 207 -8.91 -23.00 -21.29
N GLU B 208 -9.86 -22.75 -20.39
CA GLU B 208 -10.90 -21.75 -20.61
C GLU B 208 -10.34 -20.33 -20.58
N PHE B 209 -9.34 -20.12 -19.72
CA PHE B 209 -8.61 -18.85 -19.65
C PHE B 209 -7.86 -18.58 -20.95
N ILE B 210 -7.26 -19.64 -21.51
CA ILE B 210 -6.52 -19.56 -22.78
C ILE B 210 -7.44 -19.21 -23.96
N GLU B 211 -8.61 -19.84 -24.02
CA GLU B 211 -9.60 -19.56 -25.07
C GLU B 211 -10.11 -18.12 -25.00
N LYS B 212 -10.35 -17.65 -23.77
CA LYS B 212 -10.78 -16.27 -23.52
C LYS B 212 -9.73 -15.27 -24.00
N MET B 213 -8.46 -15.60 -23.78
CA MET B 213 -7.35 -14.77 -24.24
C MET B 213 -7.26 -14.70 -25.76
N ASP B 214 -7.42 -15.86 -26.40
CA ASP B 214 -7.41 -15.95 -27.87
C ASP B 214 -8.56 -15.18 -28.50
N GLU B 215 -9.73 -15.25 -27.88
CA GLU B 215 -10.90 -14.47 -28.29
C GLU B 215 -10.62 -12.97 -28.18
N ALA B 216 -9.98 -12.56 -27.09
CA ALA B 216 -9.65 -11.16 -26.83
C ALA B 216 -8.62 -10.62 -27.82
N LEU B 217 -7.56 -11.41 -28.06
CA LEU B 217 -6.54 -11.06 -29.05
C LEU B 217 -7.13 -10.89 -30.45
N ALA B 218 -8.04 -11.80 -30.81
CA ALA B 218 -8.70 -11.77 -32.12
C ALA B 218 -9.56 -10.53 -32.30
N GLU B 219 -10.20 -10.08 -31.22
CA GLU B 219 -11.04 -8.87 -31.23
C GLU B 219 -10.25 -7.62 -31.62
N ILE B 220 -8.97 -7.59 -31.22
CA ILE B 220 -8.11 -6.42 -31.42
C ILE B 220 -7.05 -6.61 -32.52
N GLY B 221 -7.16 -7.72 -33.25
CA GLY B 221 -6.29 -7.98 -34.39
C GLY B 221 -4.89 -8.48 -34.07
N PHE B 222 -4.73 -9.07 -32.89
CA PHE B 222 -3.45 -9.68 -32.51
C PHE B 222 -3.57 -11.20 -32.43
N VAL B 223 -2.42 -11.87 -32.44
CA VAL B 223 -2.37 -13.33 -32.27
C VAL B 223 -1.24 -13.71 -31.32
N PHE B 224 -1.49 -14.68 -30.44
CA PHE B 224 -0.47 -15.16 -29.53
C PHE B 224 0.77 -15.61 -30.30
N GLY B 225 1.94 -15.22 -29.81
CA GLY B 225 3.19 -15.51 -30.48
C GLY B 225 3.89 -14.26 -31.00
N GLU B 226 3.13 -13.21 -31.26
CA GLU B 226 3.67 -11.94 -31.77
C GLU B 226 4.75 -11.34 -30.87
N GLN B 227 4.61 -11.58 -29.55
CA GLN B 227 5.60 -11.13 -28.57
C GLN B 227 7.01 -11.70 -28.81
N TRP B 228 7.09 -12.79 -29.59
CA TRP B 228 8.36 -13.48 -29.84
C TRP B 228 8.92 -13.27 -31.25
N ARG B 229 8.18 -12.51 -32.07
CA ARG B 229 8.62 -12.21 -33.43
C ARG B 229 9.03 -10.75 -33.56
N GLY C 1 3.50 -1.28 41.93
CA GLY C 1 4.09 -2.52 42.52
C GLY C 1 5.18 -3.12 41.67
N SER C 2 6.00 -2.26 41.07
CA SER C 2 7.12 -2.69 40.25
C SER C 2 8.33 -2.93 41.13
N HIS C 3 9.12 -3.94 40.78
CA HIS C 3 10.40 -4.20 41.45
C HIS C 3 11.56 -4.04 40.47
N MET C 4 11.29 -3.32 39.38
CA MET C 4 12.28 -3.02 38.36
C MET C 4 13.31 -2.00 38.86
N THR C 5 14.58 -2.27 38.56
CA THR C 5 15.68 -1.37 38.94
C THR C 5 16.60 -1.14 37.75
N PRO C 6 17.34 0.00 37.74
CA PRO C 6 18.33 0.25 36.70
C PRO C 6 19.42 -0.83 36.64
N ASP C 7 19.76 -1.41 37.79
CA ASP C 7 20.76 -2.49 37.86
C ASP C 7 20.31 -3.74 37.12
N ILE C 8 19.02 -4.06 37.19
CA ILE C 8 18.45 -5.20 36.46
C ILE C 8 18.58 -4.98 34.94
N ILE C 9 18.26 -3.76 34.50
CA ILE C 9 18.39 -3.37 33.10
C ILE C 9 19.84 -3.47 32.63
N LEU C 10 20.76 -2.94 33.45
CA LEU C 10 22.19 -2.94 33.14
C LEU C 10 22.78 -4.34 33.06
N GLN C 11 22.41 -5.22 33.99
CA GLN C 11 22.93 -6.58 34.03
C GLN C 11 22.54 -7.42 32.82
N ARG C 12 21.29 -7.28 32.36
CA ARG C 12 20.79 -8.13 31.28
C ARG C 12 20.86 -7.53 29.88
N THR C 13 21.15 -6.23 29.79
CA THR C 13 21.30 -5.57 28.48
C THR C 13 22.68 -4.89 28.31
N GLY C 14 23.26 -4.40 29.40
CA GLY C 14 24.52 -3.67 29.35
C GLY C 14 24.32 -2.19 29.15
N ILE C 15 23.07 -1.75 29.21
CA ILE C 15 22.69 -0.37 28.90
C ILE C 15 22.27 0.41 30.17
N ASP C 16 22.77 1.63 30.28
CA ASP C 16 22.33 2.57 31.31
C ASP C 16 21.04 3.25 30.88
N VAL C 17 19.93 2.88 31.51
CA VAL C 17 18.60 3.39 31.17
C VAL C 17 18.46 4.91 31.36
N ARG C 18 19.22 5.47 32.31
CA ARG C 18 19.17 6.91 32.59
C ARG C 18 19.75 7.75 31.45
N ALA C 19 20.58 7.13 30.61
CA ALA C 19 21.23 7.79 29.49
C ALA C 19 20.45 7.65 28.17
N VAL C 20 19.37 6.87 28.21
CA VAL C 20 18.56 6.62 27.02
C VAL C 20 17.74 7.85 26.61
N GLU C 21 17.80 8.17 25.32
CA GLU C 21 16.95 9.20 24.73
C GLU C 21 16.12 8.57 23.61
N GLN C 22 14.90 9.06 23.41
CA GLN C 22 13.99 8.45 22.45
C GLN C 22 14.57 8.48 21.03
N GLY C 23 14.61 7.31 20.39
CA GLY C 23 15.08 7.18 19.02
C GLY C 23 16.52 6.73 18.85
N ASP C 24 17.28 6.61 19.93
CA ASP C 24 18.68 6.19 19.84
C ASP C 24 18.84 4.66 19.75
N ASP C 25 20.09 4.22 19.53
CA ASP C 25 20.40 2.80 19.39
C ASP C 25 19.98 1.97 20.61
N ALA C 26 20.28 2.46 21.80
CA ALA C 26 19.91 1.79 23.05
C ALA C 26 18.40 1.72 23.23
N TRP C 27 17.71 2.79 22.82
CA TRP C 27 16.25 2.86 22.85
C TRP C 27 15.62 1.72 22.04
N HIS C 28 16.11 1.54 20.81
CA HIS C 28 15.64 0.47 19.94
C HIS C 28 15.95 -0.92 20.50
N LYS C 29 17.15 -1.06 21.06
CA LYS C 29 17.57 -2.32 21.69
C LYS C 29 16.67 -2.70 22.85
N LEU C 30 16.35 -1.72 23.70
CA LEU C 30 15.52 -1.95 24.89
C LEU C 30 14.05 -2.25 24.59
N ARG C 31 13.65 -2.06 23.34
CA ARG C 31 12.27 -2.29 22.92
C ARG C 31 12.05 -3.64 22.20
N LEU C 32 13.15 -4.34 21.93
CA LEU C 32 13.09 -5.63 21.22
C LEU C 32 12.26 -6.67 21.98
N GLY C 33 11.24 -7.21 21.31
CA GLY C 33 10.37 -8.22 21.88
C GLY C 33 9.38 -7.73 22.92
N VAL C 34 9.43 -6.44 23.22
CA VAL C 34 8.63 -5.82 24.27
C VAL C 34 7.28 -5.32 23.73
N ILE C 35 6.21 -5.54 24.52
CA ILE C 35 4.89 -5.03 24.16
C ILE C 35 4.84 -3.53 24.41
N THR C 36 4.71 -2.75 23.33
CA THR C 36 4.81 -1.29 23.42
C THR C 36 3.45 -0.58 23.29
N ALA C 37 3.34 0.62 23.85
CA ALA C 37 2.09 1.39 23.82
C ALA C 37 1.51 1.60 22.41
N SER C 38 2.38 1.93 21.46
CA SER C 38 1.94 2.20 20.08
C SER C 38 1.46 0.96 19.34
N GLU C 39 1.67 -0.21 19.92
CA GLU C 39 1.31 -1.47 19.25
C GLU C 39 0.30 -2.32 20.02
N VAL C 40 -0.01 -1.91 21.26
CA VAL C 40 -0.84 -2.71 22.15
C VAL C 40 -2.28 -2.90 21.68
N HIS C 41 -2.77 -2.00 20.82
CA HIS C 41 -4.11 -2.14 20.24
C HIS C 41 -4.25 -3.49 19.55
N ASN C 42 -3.14 -4.01 19.04
CA ASN C 42 -3.08 -5.36 18.46
C ASN C 42 -3.35 -6.45 19.49
N VAL C 43 -2.82 -6.27 20.70
CA VAL C 43 -2.93 -7.27 21.78
C VAL C 43 -4.36 -7.36 22.33
N ILE C 44 -5.02 -6.20 22.46
CA ILE C 44 -6.36 -6.15 23.05
C ILE C 44 -7.48 -6.23 22.00
N ALA C 45 -7.08 -6.40 20.73
CA ALA C 45 -8.04 -6.52 19.63
C ALA C 45 -8.88 -7.78 19.75
N LYS C 46 -10.13 -7.67 19.33
CA LYS C 46 -11.10 -8.76 19.45
C LYS C 46 -11.50 -9.29 18.08
N PRO C 47 -11.82 -10.59 17.99
CA PRO C 47 -12.22 -11.17 16.70
C PRO C 47 -13.48 -10.54 16.12
N ARG C 48 -13.63 -10.62 14.79
CA ARG C 48 -14.86 -10.21 14.13
C ARG C 48 -15.97 -11.22 14.45
N SER C 49 -15.59 -12.50 14.42
CA SER C 49 -16.49 -13.59 14.79
C SER C 49 -15.70 -14.70 15.51
N GLY C 50 -16.40 -15.52 16.29
CA GLY C 50 -15.76 -16.60 17.04
C GLY C 50 -15.04 -16.11 18.28
N LYS C 51 -14.16 -16.96 18.83
CA LYS C 51 -13.42 -16.64 20.06
C LYS C 51 -11.90 -16.69 19.91
N LYS C 52 -11.43 -16.99 18.69
CA LYS C 52 -10.01 -17.05 18.38
C LYS C 52 -9.41 -15.65 18.28
N TRP C 53 -8.09 -15.54 18.46
CA TRP C 53 -7.35 -14.30 18.27
C TRP C 53 -7.56 -13.74 16.85
N PRO C 54 -7.79 -12.42 16.73
CA PRO C 54 -7.91 -11.80 15.41
C PRO C 54 -6.58 -11.80 14.65
N ASP C 55 -6.65 -11.73 13.32
CA ASP C 55 -5.49 -11.75 12.43
C ASP C 55 -4.39 -10.76 12.84
N MET C 56 -4.79 -9.52 13.16
CA MET C 56 -3.85 -8.47 13.54
C MET C 56 -3.08 -8.78 14.83
N LYS C 57 -3.73 -9.48 15.74
CA LYS C 57 -3.12 -9.94 16.99
C LYS C 57 -2.07 -11.02 16.72
N MET C 58 -2.39 -11.93 15.80
CA MET C 58 -1.46 -13.00 15.42
C MET C 58 -0.24 -12.46 14.68
N SER C 59 -0.45 -11.38 13.93
CA SER C 59 0.62 -10.70 13.20
C SER C 59 1.61 -10.03 14.14
N TYR C 60 1.09 -9.36 15.16
CA TYR C 60 1.94 -8.71 16.16
C TYR C 60 2.62 -9.74 17.04
N PHE C 61 1.88 -10.81 17.35
CA PHE C 61 2.41 -11.99 18.04
C PHE C 61 3.66 -12.52 17.34
N HIS C 62 3.56 -12.72 16.02
CA HIS C 62 4.71 -13.18 15.22
C HIS C 62 5.80 -12.12 15.09
N THR C 63 5.40 -10.84 15.05
CA THR C 63 6.35 -9.73 14.94
C THR C 63 7.28 -9.65 16.16
N LEU C 64 6.69 -9.75 17.35
CA LEU C 64 7.47 -9.69 18.58
C LEU C 64 8.36 -10.91 18.77
N LEU C 65 7.83 -12.11 18.48
CA LEU C 65 8.61 -13.35 18.54
C LEU C 65 9.84 -13.28 17.61
N ALA C 66 9.64 -12.69 16.42
CA ALA C 66 10.71 -12.50 15.44
C ALA C 66 11.81 -11.57 15.95
N GLU C 67 11.42 -10.55 16.71
CA GLU C 67 12.39 -9.64 17.33
C GLU C 67 13.26 -10.35 18.36
N VAL C 68 12.65 -11.28 19.11
CA VAL C 68 13.39 -12.06 20.12
C VAL C 68 14.40 -13.00 19.45
N CYS C 69 14.00 -13.62 18.35
CA CYS C 69 14.81 -14.63 17.70
C CYS C 69 15.86 -14.08 16.72
N THR C 70 15.63 -12.87 16.22
CA THR C 70 16.62 -12.22 15.33
C THR C 70 17.48 -11.21 16.07
N GLY C 71 16.95 -10.67 17.17
CA GLY C 71 17.61 -9.58 17.89
C GLY C 71 17.60 -8.25 17.13
N VAL C 72 16.80 -8.18 16.07
CA VAL C 72 16.64 -6.95 15.27
C VAL C 72 15.18 -6.62 15.02
N ALA C 73 14.92 -5.36 14.70
CA ALA C 73 13.60 -4.92 14.26
C ALA C 73 13.75 -4.03 13.02
N PRO C 74 12.91 -4.26 12.00
CA PRO C 74 12.99 -3.44 10.79
C PRO C 74 12.55 -2.01 11.04
N GLU C 75 13.16 -1.07 10.33
CA GLU C 75 12.75 0.33 10.41
C GLU C 75 11.66 0.59 9.38
N VAL C 76 10.43 0.76 9.87
CA VAL C 76 9.29 1.11 9.05
C VAL C 76 8.98 2.60 9.23
N ASN C 77 8.17 3.16 8.34
CA ASN C 77 7.74 4.58 8.44
C ASN C 77 8.89 5.56 8.69
N ALA C 78 9.96 5.42 7.91
CA ALA C 78 11.15 6.27 8.04
C ALA C 78 10.83 7.76 7.91
N LYS C 79 9.98 8.08 6.94
CA LYS C 79 9.59 9.47 6.65
C LYS C 79 8.88 10.15 7.82
N ALA C 80 7.94 9.44 8.44
CA ALA C 80 7.13 9.97 9.53
C ALA C 80 7.94 10.14 10.82
N LEU C 81 8.82 9.18 11.09
CA LEU C 81 9.70 9.25 12.27
C LEU C 81 10.70 10.40 12.15
N ALA C 82 11.26 10.58 10.95
CA ALA C 82 12.19 11.67 10.68
C ALA C 82 11.51 13.04 10.79
N TRP C 83 10.26 13.11 10.32
CA TRP C 83 9.45 14.33 10.45
C TRP C 83 9.21 14.64 11.92
N GLY C 84 8.77 13.64 12.68
CA GLY C 84 8.55 13.77 14.12
C GLY C 84 9.81 14.17 14.87
N LYS C 85 10.95 13.64 14.44
CA LYS C 85 12.25 13.97 15.04
C LYS C 85 12.65 15.41 14.75
N GLN C 86 12.41 15.85 13.51
CA GLN C 86 12.75 17.21 13.08
C GLN C 86 12.02 18.29 13.89
N TYR C 87 10.79 18.00 14.29
CA TYR C 87 9.95 19.00 14.96
C TYR C 87 9.66 18.69 16.44
N GLU C 88 10.37 17.71 16.99
CA GLU C 88 10.24 17.32 18.40
C GLU C 88 10.42 18.49 19.38
N ASN C 89 11.50 19.24 19.20
CA ASN C 89 11.82 20.38 20.07
C ASN C 89 10.80 21.52 19.98
N ASP C 90 10.43 21.89 18.75
CA ASP C 90 9.48 22.97 18.51
C ASP C 90 8.10 22.67 19.08
N ALA C 91 7.65 21.43 18.89
CA ALA C 91 6.38 20.97 19.44
C ALA C 91 6.34 21.13 20.96
N ARG C 92 7.41 20.66 21.61
CA ARG C 92 7.53 20.66 23.06
C ARG C 92 7.57 22.08 23.61
N THR C 93 8.36 22.94 22.97
CA THR C 93 8.46 24.35 23.35
C THR C 93 7.11 25.07 23.22
N LEU C 94 6.37 24.77 22.17
CA LEU C 94 5.03 25.34 22.00
C LEU C 94 4.02 24.76 22.99
N PHE C 95 4.11 23.45 23.25
CA PHE C 95 3.24 22.83 24.24
C PHE C 95 3.42 23.44 25.64
N GLU C 96 4.67 23.71 26.00
CA GLU C 96 5.00 24.30 27.29
C GLU C 96 4.47 25.73 27.45
N PHE C 97 4.49 26.50 26.35
CA PHE C 97 3.95 27.85 26.35
C PHE C 97 2.44 27.86 26.59
N THR C 98 1.73 27.04 25.82
CA THR C 98 0.27 27.00 25.83
C THR C 98 -0.32 26.44 27.13
N SER C 99 0.18 25.27 27.55
CA SER C 99 -0.32 24.57 28.73
C SER C 99 0.12 25.21 30.04
N GLY C 100 1.32 25.79 30.05
CA GLY C 100 1.88 26.37 31.27
C GLY C 100 2.52 25.36 32.20
N VAL C 101 2.77 24.16 31.67
CA VAL C 101 3.49 23.12 32.43
C VAL C 101 4.83 22.82 31.77
N ASN C 102 5.82 22.48 32.59
CA ASN C 102 7.14 22.12 32.08
C ASN C 102 7.23 20.62 31.80
N VAL C 103 7.95 20.28 30.74
CA VAL C 103 8.06 18.90 30.28
C VAL C 103 9.49 18.37 30.48
N THR C 104 9.60 17.21 31.12
CA THR C 104 10.88 16.52 31.25
C THR C 104 10.88 15.30 30.34
N GLU C 105 11.93 15.18 29.53
CA GLU C 105 12.10 14.03 28.63
C GLU C 105 12.39 12.77 29.42
N SER C 106 11.86 11.64 28.96
CA SER C 106 11.97 10.40 29.68
C SER C 106 12.57 9.29 28.81
N PRO C 107 13.36 8.39 29.43
CA PRO C 107 13.76 7.18 28.72
C PRO C 107 12.57 6.22 28.61
N ILE C 108 12.82 5.02 28.10
CA ILE C 108 11.83 3.96 28.10
C ILE C 108 11.43 3.64 29.55
N ILE C 109 10.14 3.39 29.77
CA ILE C 109 9.66 3.02 31.10
C ILE C 109 8.99 1.65 31.02
N TYR C 110 9.50 0.69 31.79
CA TYR C 110 8.91 -0.63 31.87
C TYR C 110 7.88 -0.69 32.98
N ARG C 111 6.84 -1.50 32.77
CA ARG C 111 5.79 -1.70 33.75
C ARG C 111 6.33 -2.39 35.02
N ASP C 112 7.17 -3.40 34.82
CA ASP C 112 7.72 -4.20 35.91
C ASP C 112 9.10 -4.79 35.57
N GLU C 113 9.61 -5.63 36.47
CA GLU C 113 10.95 -6.22 36.35
C GLU C 113 11.09 -7.25 35.22
N SER C 114 9.97 -7.76 34.71
CA SER C 114 9.97 -8.76 33.63
C SER C 114 10.42 -8.16 32.29
N MET C 115 10.31 -6.85 32.17
CA MET C 115 10.71 -6.10 30.96
C MET C 115 9.94 -6.55 29.72
N ARG C 116 8.71 -7.05 29.92
CA ARG C 116 7.86 -7.53 28.82
C ARG C 116 6.98 -6.41 28.27
N THR C 117 6.74 -5.39 29.09
CA THR C 117 5.78 -4.34 28.80
C THR C 117 6.40 -2.96 29.06
N ALA C 118 6.27 -2.05 28.10
CA ALA C 118 6.89 -0.73 28.22
C ALA C 118 6.17 0.37 27.42
N CYS C 119 6.44 1.62 27.79
CA CYS C 119 6.07 2.76 26.97
C CYS C 119 7.21 3.77 26.87
N SER C 120 7.13 4.64 25.88
CA SER C 120 8.13 5.69 25.70
C SER C 120 7.41 7.03 25.53
N PRO C 121 7.12 7.72 26.64
CA PRO C 121 6.40 8.99 26.58
C PRO C 121 7.23 10.07 25.88
N ASP C 122 6.55 11.02 25.25
CA ASP C 122 7.21 12.17 24.64
C ASP C 122 7.59 13.20 25.70
N GLY C 123 7.24 12.90 26.95
CA GLY C 123 7.63 13.72 28.07
C GLY C 123 6.77 13.48 29.29
N LEU C 124 7.31 13.87 30.44
CA LEU C 124 6.58 13.83 31.68
C LEU C 124 6.40 15.26 32.16
N CYS C 125 5.17 15.59 32.54
CA CYS C 125 4.84 16.97 32.88
C CYS C 125 4.91 17.27 34.37
N SER C 126 5.14 18.55 34.68
CA SER C 126 5.31 19.01 36.06
C SER C 126 4.04 18.93 36.91
N ASP C 127 2.90 18.68 36.25
CA ASP C 127 1.61 18.52 36.94
C ASP C 127 1.25 17.05 37.23
N GLY C 128 2.19 16.15 36.94
CA GLY C 128 2.00 14.73 37.21
C GLY C 128 1.52 13.91 36.02
N ASN C 129 1.09 14.59 34.96
CA ASN C 129 0.63 13.91 33.74
C ASN C 129 1.78 13.48 32.84
N GLY C 130 1.55 12.43 32.05
CA GLY C 130 2.48 12.07 30.98
C GLY C 130 2.08 12.84 29.73
N LEU C 131 2.88 12.72 28.68
CA LEU C 131 2.64 13.47 27.45
C LEU C 131 2.88 12.63 26.19
N GLU C 132 1.86 12.59 25.34
CA GLU C 132 2.01 12.11 23.97
C GLU C 132 1.94 13.32 23.06
N LEU C 133 3.04 13.59 22.36
CA LEU C 133 3.14 14.74 21.46
C LEU C 133 3.52 14.28 20.04
N ALA C 134 2.49 14.09 19.22
CA ALA C 134 2.66 13.62 17.86
C ALA C 134 2.85 14.80 16.90
N CYS C 135 3.67 14.57 15.87
CA CYS C 135 3.78 15.50 14.76
C CYS C 135 3.28 14.76 13.51
N PRO C 136 1.95 14.77 13.30
CA PRO C 136 1.35 13.99 12.22
C PRO C 136 1.96 14.32 10.87
N PHE C 137 2.38 13.28 10.15
CA PHE C 137 3.03 13.45 8.84
C PHE C 137 2.11 14.12 7.83
N THR C 138 0.81 13.81 7.89
CA THR C 138 -0.18 14.45 7.02
C THR C 138 -0.97 15.50 7.79
N SER C 139 -1.08 16.69 7.20
CA SER C 139 -1.85 17.77 7.80
C SER C 139 -3.33 17.39 7.94
N ARG C 140 -3.79 16.50 7.06
CA ARG C 140 -5.13 15.93 7.11
C ARG C 140 -5.44 15.34 8.49
N ASP C 141 -4.49 14.56 9.01
CA ASP C 141 -4.63 13.91 10.31
C ASP C 141 -4.63 14.90 11.45
N PHE C 142 -3.81 15.94 11.35
CA PHE C 142 -3.85 17.04 12.32
C PHE C 142 -5.25 17.68 12.33
N MET C 143 -5.77 17.99 11.14
CA MET C 143 -7.07 18.64 10.97
C MET C 143 -8.24 17.81 11.54
N LYS C 144 -8.16 16.49 11.38
CA LYS C 144 -9.14 15.55 11.93
C LYS C 144 -9.26 15.69 13.45
N PHE C 145 -8.11 15.78 14.12
CA PHE C 145 -8.04 15.94 15.57
C PHE C 145 -8.44 17.35 16.00
N ARG C 146 -7.94 18.34 15.27
CA ARG C 146 -8.27 19.76 15.52
C ARG C 146 -9.79 20.02 15.52
N LEU C 147 -10.50 19.37 14.60
CA LEU C 147 -11.94 19.60 14.44
C LEU C 147 -12.82 18.64 15.24
N GLY C 148 -12.42 17.38 15.29
CA GLY C 148 -13.21 16.34 15.95
C GLY C 148 -12.83 16.06 17.38
N GLY C 149 -11.67 16.57 17.79
CA GLY C 149 -11.16 16.36 19.15
C GLY C 149 -10.83 14.91 19.45
N PHE C 150 -10.82 14.59 20.74
CA PHE C 150 -10.56 13.23 21.24
C PHE C 150 -11.42 12.15 20.58
N GLU C 151 -12.73 12.43 20.46
CA GLU C 151 -13.71 11.49 19.92
C GLU C 151 -13.40 11.02 18.49
N ALA C 152 -12.77 11.87 17.70
CA ALA C 152 -12.47 11.57 16.30
C ALA C 152 -11.40 10.50 16.12
N ILE C 153 -10.41 10.48 17.02
CA ILE C 153 -9.26 9.59 16.89
C ILE C 153 -9.03 8.66 18.09
N LYS C 154 -10.06 8.47 18.91
CA LYS C 154 -9.97 7.55 20.05
C LYS C 154 -9.78 6.10 19.58
N SER C 155 -10.31 5.79 18.40
CA SER C 155 -10.16 4.49 17.77
C SER C 155 -8.68 4.16 17.52
N ALA C 156 -7.90 5.19 17.20
CA ALA C 156 -6.51 5.00 16.83
C ALA C 156 -5.50 5.15 17.98
N TYR C 157 -5.86 5.89 19.03
CA TYR C 157 -4.87 6.28 20.06
C TYR C 157 -5.23 6.06 21.53
N MET C 158 -6.51 5.84 21.83
CA MET C 158 -6.95 5.64 23.22
C MET C 158 -6.22 4.47 23.89
N ALA C 159 -6.13 3.34 23.19
CA ALA C 159 -5.41 2.17 23.70
C ALA C 159 -3.96 2.49 24.09
N GLN C 160 -3.27 3.19 23.19
CA GLN C 160 -1.89 3.64 23.42
C GLN C 160 -1.77 4.54 24.66
N VAL C 161 -2.67 5.52 24.76
CA VAL C 161 -2.65 6.46 25.88
C VAL C 161 -2.91 5.77 27.21
N GLN C 162 -3.93 4.91 27.23
CA GLN C 162 -4.30 4.16 28.45
C GLN C 162 -3.19 3.22 28.89
N TYR C 163 -2.53 2.58 27.93
CA TYR C 163 -1.42 1.65 28.20
C TYR C 163 -0.25 2.38 28.86
N SER C 164 0.03 3.59 28.40
CA SER C 164 1.06 4.44 28.99
C SER C 164 0.76 4.74 30.46
N MET C 165 -0.52 4.91 30.77
CA MET C 165 -0.97 5.12 32.15
C MET C 165 -0.93 3.83 32.97
N TRP C 166 -1.16 2.70 32.30
CA TRP C 166 -1.05 1.37 32.92
C TRP C 166 0.41 1.07 33.27
N VAL C 167 1.31 1.39 32.35
CA VAL C 167 2.75 1.18 32.53
C VAL C 167 3.33 2.07 33.64
N THR C 168 3.07 3.37 33.56
CA THR C 168 3.65 4.39 34.46
C THR C 168 2.90 4.53 35.78
N ARG C 169 1.70 3.95 35.85
CA ARG C 169 0.80 4.06 37.00
C ARG C 169 0.37 5.51 37.25
N LYS C 170 0.09 6.23 36.17
CA LYS C 170 -0.32 7.64 36.22
C LYS C 170 -1.83 7.79 36.02
N ASN C 171 -2.37 8.94 36.40
CA ASN C 171 -3.83 9.16 36.43
C ASN C 171 -4.40 9.93 35.25
N ALA C 172 -3.55 10.71 34.57
CA ALA C 172 -3.97 11.49 33.41
C ALA C 172 -2.83 11.62 32.39
N TRP C 173 -3.19 11.93 31.15
CA TRP C 173 -2.22 11.98 30.06
C TRP C 173 -2.62 13.05 29.05
N TYR C 174 -1.67 13.91 28.68
CA TYR C 174 -1.87 14.84 27.57
C TYR C 174 -1.72 14.10 26.25
N PHE C 175 -2.65 14.33 25.34
CA PHE C 175 -2.50 13.87 23.97
C PHE C 175 -2.50 15.10 23.06
N ALA C 176 -1.35 15.34 22.43
CA ALA C 176 -1.13 16.54 21.64
C ALA C 176 -0.67 16.25 20.22
N ASN C 177 -1.08 17.13 19.30
CA ASN C 177 -0.57 17.14 17.92
C ASN C 177 0.06 18.49 17.59
N TYR C 178 1.19 18.46 16.88
CA TYR C 178 1.80 19.67 16.37
C TYR C 178 2.02 19.59 14.86
N ASP C 179 1.60 20.63 14.15
CA ASP C 179 1.81 20.73 12.71
C ASP C 179 2.43 22.09 12.37
N PRO C 180 3.74 22.08 12.06
CA PRO C 180 4.49 23.30 11.74
C PRO C 180 4.04 23.97 10.45
N ARG C 181 3.34 23.23 9.59
CA ARG C 181 2.86 23.75 8.31
C ARG C 181 1.62 24.64 8.45
N MET C 182 0.88 24.47 9.55
CA MET C 182 -0.27 25.33 9.84
C MET C 182 0.19 26.78 9.98
N LYS C 183 -0.47 27.68 9.26
CA LYS C 183 -0.09 29.09 9.26
C LYS C 183 -0.20 29.76 10.62
N ARG C 184 -1.16 29.29 11.42
CA ARG C 184 -1.26 29.68 12.83
C ARG C 184 -1.99 28.58 13.59
N GLU C 185 -1.85 28.58 14.92
CA GLU C 185 -2.51 27.63 15.80
C GLU C 185 -2.25 26.17 15.38
N GLY C 186 -0.97 25.83 15.26
CA GLY C 186 -0.55 24.50 14.86
C GLY C 186 -0.41 23.49 15.99
N LEU C 187 -0.88 23.85 17.18
CA LEU C 187 -0.89 22.93 18.31
C LEU C 187 -2.30 22.70 18.84
N HIS C 188 -2.65 21.43 18.99
CA HIS C 188 -3.93 21.04 19.58
C HIS C 188 -3.71 19.91 20.56
N TYR C 189 -4.36 19.99 21.72
CA TYR C 189 -4.25 18.93 22.73
C TYR C 189 -5.48 18.76 23.61
N VAL C 190 -5.62 17.56 24.15
CA VAL C 190 -6.67 17.23 25.11
C VAL C 190 -6.05 16.54 26.33
N VAL C 191 -6.80 16.47 27.42
CA VAL C 191 -6.38 15.66 28.57
C VAL C 191 -7.23 14.40 28.65
N ILE C 192 -6.57 13.26 28.78
CA ILE C 192 -7.26 11.97 28.87
C ILE C 192 -7.08 11.36 30.26
N GLU C 193 -8.19 11.04 30.91
CA GLU C 193 -8.17 10.45 32.25
C GLU C 193 -7.98 8.95 32.18
N ARG C 194 -7.33 8.39 33.19
CA ARG C 194 -7.16 6.94 33.36
C ARG C 194 -8.52 6.23 33.36
N ASP C 195 -8.67 5.25 32.48
CA ASP C 195 -9.91 4.49 32.36
C ASP C 195 -9.72 3.09 32.92
N GLU C 196 -10.49 2.75 33.96
CA GLU C 196 -10.33 1.47 34.66
C GLU C 196 -10.82 0.25 33.84
N LYS C 197 -11.67 0.49 32.85
CA LYS C 197 -12.05 -0.55 31.90
C LYS C 197 -10.85 -1.02 31.10
N TYR C 198 -10.06 -0.06 30.60
CA TYR C 198 -8.83 -0.35 29.87
C TYR C 198 -7.78 -1.04 30.75
N MET C 199 -7.67 -0.57 31.99
CA MET C 199 -6.72 -1.15 32.95
C MET C 199 -7.04 -2.63 33.21
N ALA C 200 -8.33 -2.92 33.35
CA ALA C 200 -8.80 -4.29 33.56
C ALA C 200 -8.54 -5.17 32.34
N SER C 201 -8.66 -4.59 31.15
CA SER C 201 -8.35 -5.28 29.90
C SER C 201 -6.87 -5.66 29.85
N PHE C 202 -5.99 -4.72 30.19
CA PHE C 202 -4.55 -5.00 30.19
C PHE C 202 -4.19 -6.06 31.22
N ASP C 203 -4.79 -5.96 32.41
CA ASP C 203 -4.52 -6.90 33.51
C ASP C 203 -4.85 -8.37 33.20
N GLU C 204 -5.85 -8.59 32.35
CA GLU C 204 -6.24 -9.96 31.99
C GLU C 204 -5.68 -10.43 30.65
N ILE C 205 -5.61 -9.53 29.68
CA ILE C 205 -5.20 -9.90 28.31
C ILE C 205 -3.68 -9.95 28.12
N VAL C 206 -2.98 -8.94 28.61
CA VAL C 206 -1.53 -8.83 28.40
C VAL C 206 -0.73 -10.04 28.98
N PRO C 207 -0.98 -10.41 30.25
CA PRO C 207 -0.25 -11.57 30.80
C PRO C 207 -0.49 -12.88 30.03
N GLU C 208 -1.71 -13.07 29.52
CA GLU C 208 -2.02 -14.24 28.70
C GLU C 208 -1.23 -14.21 27.38
N PHE C 209 -1.12 -13.02 26.79
CA PHE C 209 -0.35 -12.82 25.57
C PHE C 209 1.12 -13.18 25.80
N ILE C 210 1.66 -12.74 26.93
CA ILE C 210 3.04 -13.04 27.33
C ILE C 210 3.27 -14.54 27.48
N GLU C 211 2.31 -15.23 28.11
CA GLU C 211 2.40 -16.68 28.32
C GLU C 211 2.41 -17.46 27.00
N LYS C 212 1.60 -17.01 26.03
CA LYS C 212 1.54 -17.64 24.73
C LYS C 212 2.81 -17.40 23.90
N MET C 213 3.45 -16.26 24.12
CA MET C 213 4.74 -15.94 23.51
C MET C 213 5.85 -16.85 24.05
N ASP C 214 5.86 -17.04 25.36
CA ASP C 214 6.84 -17.94 26.00
C ASP C 214 6.67 -19.39 25.54
N GLU C 215 5.43 -19.80 25.34
CA GLU C 215 5.11 -21.13 24.80
C GLU C 215 5.70 -21.33 23.39
N ALA C 216 5.48 -20.35 22.53
CA ALA C 216 5.97 -20.39 21.15
C ALA C 216 7.51 -20.36 21.10
N LEU C 217 8.10 -19.49 21.90
CA LEU C 217 9.57 -19.41 22.02
C LEU C 217 10.16 -20.75 22.45
N ALA C 218 9.53 -21.39 23.44
CA ALA C 218 9.96 -22.69 23.94
C ALA C 218 9.84 -23.79 22.87
N GLU C 219 8.84 -23.65 22.01
CA GLU C 219 8.57 -24.61 20.94
C GLU C 219 9.68 -24.63 19.88
N ILE C 220 10.39 -23.50 19.76
CA ILE C 220 11.51 -23.39 18.81
C ILE C 220 12.87 -23.22 19.49
N GLY C 221 12.92 -23.49 20.79
CA GLY C 221 14.17 -23.48 21.56
C GLY C 221 14.78 -22.11 21.81
N PHE C 222 13.91 -21.13 22.04
CA PHE C 222 14.34 -19.77 22.39
C PHE C 222 13.77 -19.35 23.75
N VAL C 223 14.44 -18.40 24.39
CA VAL C 223 13.96 -17.81 25.63
C VAL C 223 14.00 -16.27 25.55
N PHE C 224 12.98 -15.62 26.10
CA PHE C 224 12.97 -14.16 26.12
C PHE C 224 14.23 -13.65 26.81
N GLY C 225 14.85 -12.64 26.21
CA GLY C 225 16.09 -12.08 26.75
C GLY C 225 17.30 -12.37 25.90
N GLU C 226 17.16 -13.32 24.96
CA GLU C 226 18.22 -13.66 24.02
C GLU C 226 18.55 -12.52 23.05
N GLN C 227 17.59 -11.63 22.86
CA GLN C 227 17.76 -10.46 22.00
C GLN C 227 18.76 -9.46 22.56
N TRP C 228 18.95 -9.49 23.87
CA TRP C 228 19.82 -8.55 24.57
C TRP C 228 21.20 -9.13 24.88
N ARG C 229 21.35 -10.43 24.60
CA ARG C 229 22.60 -11.15 24.83
C ARG C 229 22.87 -12.11 23.68
#